data_3VZB
#
_entry.id   3VZB
#
_cell.length_a   101.859
_cell.length_b   226.263
_cell.length_c   106.487
_cell.angle_alpha   90.00
_cell.angle_beta   90.00
_cell.angle_gamma   90.00
#
_symmetry.space_group_name_H-M   'C 2 2 21'
#
loop_
_entity.id
_entity.type
_entity.pdbx_description
1 polymer 'Sphingosine kinase 1'
2 non-polymer (2S,3R,4E)-2-aminooctadec-4-ene-1,3-diol
3 non-polymer 'SULFATE ION'
4 non-polymer 1,2-ETHANEDIOL
5 water water
#
_entity_poly.entity_id   1
_entity_poly.type   'polypeptide(L)'
_entity_poly.pdbx_seq_one_letter_code
;AMGSGVLPRPCRVLVLLNPRGGKGKALQLFRSHVQPLLAEAEISFTLMLTERRNHARELVRSEELGRWDALVVMSGDGLM
HEVVNGLMERPDWETAIQKPLCSLPAGSGNALAASLNHYAGYEQVTNEDLLTNCTLLLCRRLLSPMNLLSLHTASGLRLF
SVLSLAWGFIADVDLESEKYRRLGEMRFTLGTFLRLAALRTYRGRLAYLPVGRVGSKTPASPVVVQQGPVDAHLVPLEEP
VPSHWTVVPDEDFVLVLALLHSHLGSEMFAAPMGRCAAGVMHLFYVRAGVSRAMLLRLFLAMEKGRHMEYECPYLVYVPV
VAFRLEPKDGKGVFAVDGELMVSEAVQGQVHPNYFWMVSG
;
_entity_poly.pdbx_strand_id   A,B,C
#
# COMPACT_ATOMS: atom_id res chain seq x y z
N ALA A 1 33.94 14.53 4.52
CA ALA A 1 34.44 13.23 3.96
C ALA A 1 34.92 13.40 2.51
N MET A 2 36.24 13.45 2.34
CA MET A 2 36.86 13.72 1.05
C MET A 2 37.01 12.43 0.26
N GLY A 3 37.19 12.56 -1.06
CA GLY A 3 37.40 11.41 -1.92
C GLY A 3 38.78 10.81 -1.75
N SER A 4 38.89 9.49 -1.91
CA SER A 4 40.20 8.85 -1.90
C SER A 4 40.68 8.44 -3.30
N GLY A 5 39.92 8.83 -4.33
CA GLY A 5 40.28 8.56 -5.72
C GLY A 5 39.28 9.20 -6.66
N VAL A 6 39.53 9.08 -7.96
CA VAL A 6 38.64 9.66 -8.99
C VAL A 6 38.64 8.83 -10.23
N LEU A 7 37.49 8.77 -10.89
CA LEU A 7 37.39 8.21 -12.23
C LEU A 7 38.10 9.16 -13.20
N PRO A 8 38.77 8.62 -14.22
CA PRO A 8 39.31 9.54 -15.24
C PRO A 8 38.20 10.30 -15.96
N ARG A 9 38.57 11.41 -16.59
CA ARG A 9 37.66 12.19 -17.43
C ARG A 9 38.31 12.36 -18.80
N PRO A 10 37.66 11.90 -19.88
CA PRO A 10 36.41 11.15 -19.92
C PRO A 10 36.61 9.70 -19.46
N CYS A 11 35.52 8.97 -19.31
CA CYS A 11 35.57 7.56 -18.98
C CYS A 11 34.41 6.83 -19.58
N ARG A 12 34.47 5.50 -19.50
CA ARG A 12 33.37 4.68 -19.97
C ARG A 12 32.98 3.69 -18.91
N VAL A 13 31.68 3.45 -18.80
CA VAL A 13 31.16 2.56 -17.77
C VAL A 13 30.22 1.54 -18.33
N LEU A 14 30.21 0.38 -17.70
CA LEU A 14 29.23 -0.64 -17.96
C LEU A 14 28.05 -0.40 -17.02
N VAL A 15 26.86 -0.26 -17.60
CA VAL A 15 25.64 -0.12 -16.82
C VAL A 15 24.88 -1.43 -16.83
N LEU A 16 24.84 -2.09 -15.67
CA LEU A 16 24.01 -3.26 -15.49
C LEU A 16 22.68 -2.81 -14.93
N LEU A 17 21.64 -2.99 -15.74
CA LEU A 17 20.33 -2.47 -15.41
C LEU A 17 19.31 -3.57 -15.36
N ASN A 18 18.49 -3.55 -14.32
CA ASN A 18 17.37 -4.45 -14.22
C ASN A 18 16.13 -3.75 -14.75
N PRO A 19 15.62 -4.17 -15.92
CA PRO A 19 14.47 -3.47 -16.49
C PRO A 19 13.16 -3.60 -15.69
N ARG A 20 13.10 -4.55 -14.76
CA ARG A 20 11.95 -4.68 -13.87
C ARG A 20 11.95 -3.68 -12.71
N GLY A 21 13.10 -3.09 -12.38
CA GLY A 21 13.19 -2.13 -11.28
C GLY A 21 12.33 -0.88 -11.47
N GLY A 22 11.99 -0.20 -10.37
CA GLY A 22 11.16 1.00 -10.45
C GLY A 22 9.85 0.66 -11.14
N LYS A 23 9.27 -0.46 -10.73
CA LYS A 23 8.05 -1.00 -11.31
C LYS A 23 8.13 -1.11 -12.83
N GLY A 24 9.23 -1.69 -13.33
CA GLY A 24 9.38 -1.92 -14.76
C GLY A 24 9.77 -0.67 -15.55
N LYS A 25 10.17 0.38 -14.84
CA LYS A 25 10.46 1.67 -15.48
C LYS A 25 11.94 2.04 -15.46
N ALA A 26 12.80 1.14 -14.99
CA ALA A 26 14.21 1.45 -14.83
C ALA A 26 14.87 1.97 -16.11
N LEU A 27 14.59 1.33 -17.24
CA LEU A 27 15.20 1.74 -18.53
C LEU A 27 14.73 3.15 -18.89
N GLN A 28 13.44 3.39 -18.73
CA GLN A 28 12.87 4.73 -18.97
C GLN A 28 13.56 5.76 -18.09
N LEU A 29 13.75 5.42 -16.82
CA LEU A 29 14.36 6.33 -15.86
C LEU A 29 15.82 6.61 -16.21
N PHE A 30 16.53 5.58 -16.65
CA PHE A 30 17.87 5.76 -17.13
C PHE A 30 17.90 6.78 -18.27
N ARG A 31 16.99 6.62 -19.23
CA ARG A 31 16.97 7.49 -20.41
CA ARG A 31 16.97 7.49 -20.41
C ARG A 31 16.65 8.93 -20.04
N SER A 32 15.68 9.13 -19.14
CA SER A 32 15.26 10.48 -18.74
C SER A 32 16.12 11.16 -17.69
N HIS A 33 16.59 10.42 -16.69
CA HIS A 33 17.27 10.99 -15.52
C HIS A 33 18.78 10.71 -15.44
N VAL A 34 19.29 9.73 -16.17
CA VAL A 34 20.70 9.39 -16.08
C VAL A 34 21.48 9.77 -17.32
N GLN A 35 21.04 9.25 -18.46
CA GLN A 35 21.72 9.47 -19.75
C GLN A 35 22.13 10.91 -20.06
N PRO A 36 21.21 11.87 -19.90
CA PRO A 36 21.59 13.25 -20.27
C PRO A 36 22.73 13.80 -19.39
N LEU A 37 22.74 13.42 -18.11
CA LEU A 37 23.83 13.82 -17.21
C LEU A 37 25.15 13.19 -17.61
N LEU A 38 25.11 11.91 -17.97
CA LEU A 38 26.32 11.21 -18.39
C LEU A 38 26.94 11.89 -19.61
N ALA A 39 26.09 12.35 -20.53
CA ALA A 39 26.59 13.02 -21.74
C ALA A 39 27.33 14.30 -21.40
N GLU A 40 26.73 15.16 -20.61
CA GLU A 40 27.39 16.41 -20.21
C GLU A 40 28.69 16.13 -19.43
N ALA A 41 28.75 14.99 -18.72
CA ALA A 41 29.93 14.65 -17.93
C ALA A 41 31.02 13.88 -18.71
N GLU A 42 30.77 13.62 -20.00
CA GLU A 42 31.67 12.84 -20.84
C GLU A 42 31.88 11.43 -20.27
N ILE A 43 30.80 10.85 -19.78
CA ILE A 43 30.83 9.46 -19.37
C ILE A 43 30.16 8.67 -20.47
N SER A 44 30.96 7.87 -21.20
CA SER A 44 30.40 6.93 -22.20
C SER A 44 29.91 5.68 -21.49
N PHE A 45 28.89 5.03 -22.03
CA PHE A 45 28.31 3.87 -21.36
C PHE A 45 27.80 2.82 -22.32
N THR A 46 27.69 1.61 -21.79
CA THR A 46 26.99 0.53 -22.46
C THR A 46 26.00 -0.07 -21.50
N LEU A 47 24.74 -0.18 -21.94
CA LEU A 47 23.67 -0.83 -21.17
C LEU A 47 23.57 -2.33 -21.43
N MET A 48 23.67 -3.10 -20.36
CA MET A 48 23.43 -4.54 -20.36
C MET A 48 22.27 -4.78 -19.44
N LEU A 49 21.28 -5.53 -19.91
CA LEU A 49 20.07 -5.77 -19.11
C LEU A 49 20.20 -7.09 -18.39
N THR A 50 19.91 -7.08 -17.09
CA THR A 50 20.02 -8.26 -16.24
C THR A 50 18.80 -8.29 -15.33
N GLU A 51 18.03 -9.36 -15.43
CA GLU A 51 16.84 -9.55 -14.57
C GLU A 51 16.80 -10.93 -13.89
N ARG A 52 17.31 -11.97 -14.56
CA ARG A 52 17.25 -13.34 -14.04
C ARG A 52 18.25 -13.57 -12.90
N ARG A 53 18.00 -14.62 -12.13
CA ARG A 53 18.61 -14.84 -10.80
C ARG A 53 20.08 -14.42 -10.63
N ASN A 54 20.96 -15.24 -11.18
CA ASN A 54 22.40 -15.10 -11.00
C ASN A 54 23.08 -14.60 -12.26
N HIS A 55 22.33 -13.87 -13.07
CA HIS A 55 22.80 -13.46 -14.38
C HIS A 55 23.83 -12.36 -14.26
N ALA A 56 23.47 -11.29 -13.58
CA ALA A 56 24.43 -10.22 -13.32
C ALA A 56 25.68 -10.76 -12.64
N ARG A 57 25.53 -11.74 -11.74
CA ARG A 57 26.68 -12.35 -11.06
C ARG A 57 27.60 -13.07 -12.04
N GLU A 58 26.99 -13.85 -12.93
CA GLU A 58 27.72 -14.59 -13.95
C GLU A 58 28.43 -13.66 -14.94
N LEU A 59 27.72 -12.60 -15.36
CA LEU A 59 28.28 -11.60 -16.27
C LEU A 59 29.52 -10.96 -15.70
N VAL A 60 29.45 -10.53 -14.45
CA VAL A 60 30.57 -9.90 -13.78
C VAL A 60 31.73 -10.87 -13.54
N ARG A 61 31.40 -12.13 -13.28
CA ARG A 61 32.39 -13.16 -13.10
C ARG A 61 33.27 -13.37 -14.35
N SER A 62 32.70 -13.16 -15.53
CA SER A 62 33.40 -13.44 -16.78
C SER A 62 33.90 -12.19 -17.53
N GLU A 63 33.54 -11.01 -17.02
CA GLU A 63 33.78 -9.77 -17.76
C GLU A 63 35.26 -9.46 -17.88
N GLU A 64 35.64 -8.92 -19.04
CA GLU A 64 36.94 -8.32 -19.22
C GLU A 64 36.86 -6.94 -18.60
N LEU A 65 37.33 -6.83 -17.35
CA LEU A 65 37.15 -5.61 -16.59
C LEU A 65 38.01 -4.47 -17.08
N GLY A 66 39.12 -4.76 -17.74
CA GLY A 66 40.02 -3.71 -18.24
C GLY A 66 39.43 -2.75 -19.27
N ARG A 67 38.31 -3.12 -19.88
CA ARG A 67 37.60 -2.25 -20.84
C ARG A 67 36.70 -1.22 -20.16
N TRP A 68 36.56 -1.29 -18.84
CA TRP A 68 35.67 -0.38 -18.11
C TRP A 68 36.41 0.43 -17.03
N ASP A 69 35.97 1.66 -16.83
CA ASP A 69 36.46 2.50 -15.73
C ASP A 69 35.62 2.31 -14.47
N ALA A 70 34.38 1.89 -14.62
CA ALA A 70 33.50 1.54 -13.51
C ALA A 70 32.34 0.68 -13.98
N LEU A 71 31.74 -0.03 -13.05
CA LEU A 71 30.48 -0.73 -13.24
C LEU A 71 29.41 0.01 -12.49
N VAL A 72 28.38 0.47 -13.19
CA VAL A 72 27.25 1.10 -12.56
C VAL A 72 26.09 0.14 -12.57
N VAL A 73 25.46 0.07 -11.40
CA VAL A 73 24.52 -0.94 -11.12
C VAL A 73 23.26 -0.19 -10.88
N MET A 74 22.29 -0.38 -11.78
CA MET A 74 21.01 0.33 -11.66
C MET A 74 19.86 -0.62 -11.43
N SER A 75 19.53 -0.77 -10.14
CA SER A 75 18.42 -1.61 -9.71
C SER A 75 18.20 -1.39 -8.21
N GLY A 76 19.08 -1.94 -7.39
CA GLY A 76 18.93 -1.85 -5.95
C GLY A 76 20.08 -2.53 -5.24
N ASP A 77 19.91 -2.70 -3.93
CA ASP A 77 20.91 -3.35 -3.11
C ASP A 77 21.15 -4.80 -3.57
N GLY A 78 20.09 -5.50 -3.97
CA GLY A 78 20.19 -6.89 -4.42
C GLY A 78 21.16 -7.10 -5.57
N LEU A 79 21.09 -6.22 -6.57
CA LEU A 79 21.97 -6.28 -7.73
C LEU A 79 23.40 -5.95 -7.34
N MET A 80 23.60 -4.98 -6.44
CA MET A 80 24.94 -4.73 -5.94
C MET A 80 25.50 -5.95 -5.24
N HIS A 81 24.68 -6.57 -4.42
CA HIS A 81 25.07 -7.85 -3.78
C HIS A 81 25.59 -8.86 -4.81
N GLU A 82 24.89 -8.99 -5.94
CA GLU A 82 25.27 -9.97 -6.94
C GLU A 82 26.59 -9.61 -7.60
N VAL A 83 26.76 -8.33 -7.94
CA VAL A 83 27.95 -7.83 -8.58
C VAL A 83 29.17 -8.02 -7.70
N VAL A 84 29.08 -7.61 -6.43
CA VAL A 84 30.21 -7.81 -5.53
C VAL A 84 30.55 -9.29 -5.32
N ASN A 85 29.54 -10.14 -5.16
CA ASN A 85 29.80 -11.58 -5.04
C ASN A 85 30.41 -12.20 -6.30
N GLY A 86 29.87 -11.85 -7.46
CA GLY A 86 30.51 -12.14 -8.74
C GLY A 86 31.97 -11.77 -8.81
N LEU A 87 32.31 -10.53 -8.42
CA LEU A 87 33.70 -10.08 -8.43
C LEU A 87 34.59 -10.92 -7.52
N MET A 88 34.10 -11.18 -6.32
CA MET A 88 34.83 -11.97 -5.33
C MET A 88 34.92 -13.45 -5.69
N GLU A 89 34.04 -13.95 -6.55
CA GLU A 89 34.11 -15.35 -6.96
C GLU A 89 35.16 -15.62 -8.03
N ARG A 90 35.70 -14.56 -8.63
CA ARG A 90 36.67 -14.72 -9.70
C ARG A 90 38.03 -15.20 -9.15
N PRO A 91 38.82 -15.89 -10.00
CA PRO A 91 40.18 -16.26 -9.59
C PRO A 91 41.08 -15.03 -9.38
N ASP A 92 40.82 -13.94 -10.11
CA ASP A 92 41.57 -12.69 -9.94
C ASP A 92 40.83 -11.69 -9.03
N TRP A 93 40.11 -12.22 -8.04
CA TRP A 93 39.26 -11.38 -7.16
C TRP A 93 39.99 -10.20 -6.52
N GLU A 94 41.27 -10.36 -6.21
CA GLU A 94 41.99 -9.32 -5.47
C GLU A 94 42.16 -8.04 -6.29
N THR A 95 42.26 -8.17 -7.60
CA THR A 95 42.28 -6.99 -8.47
C THR A 95 40.86 -6.66 -8.96
N ALA A 96 40.03 -7.66 -9.20
CA ALA A 96 38.68 -7.38 -9.75
C ALA A 96 37.80 -6.59 -8.79
N ILE A 97 37.97 -6.82 -7.48
CA ILE A 97 37.14 -6.19 -6.45
C ILE A 97 37.53 -4.71 -6.32
N GLN A 98 38.63 -4.35 -6.95
CA GLN A 98 39.07 -2.96 -7.00
C GLN A 98 38.46 -2.12 -8.12
N LYS A 99 37.72 -2.75 -9.02
CA LYS A 99 37.00 -1.99 -10.06
C LYS A 99 35.91 -1.12 -9.43
N PRO A 100 35.97 0.22 -9.60
CA PRO A 100 34.95 1.03 -8.98
C PRO A 100 33.52 0.72 -9.40
N LEU A 101 32.62 0.86 -8.42
CA LEU A 101 31.22 0.51 -8.57
C LEU A 101 30.39 1.71 -8.24
N CYS A 102 29.18 1.74 -8.78
CA CYS A 102 28.30 2.85 -8.56
C CYS A 102 26.91 2.32 -8.43
N SER A 103 26.15 2.78 -7.42
CA SER A 103 24.76 2.36 -7.25
C SER A 103 23.81 3.47 -7.69
N LEU A 104 23.02 3.22 -8.72
CA LEU A 104 21.95 4.14 -9.08
C LEU A 104 20.62 3.46 -8.76
N PRO A 105 19.80 4.13 -7.95
CA PRO A 105 18.60 3.48 -7.43
C PRO A 105 17.44 3.43 -8.44
N ALA A 106 16.76 2.30 -8.52
CA ALA A 106 15.49 2.21 -9.22
C ALA A 106 14.52 1.45 -8.31
N GLY A 107 13.40 2.07 -7.96
CA GLY A 107 12.40 1.44 -7.09
C GLY A 107 12.78 1.42 -5.63
N SER A 108 12.32 0.41 -4.89
CA SER A 108 12.63 0.28 -3.46
C SER A 108 13.89 -0.57 -3.22
N GLY A 109 14.33 -0.62 -1.96
CA GLY A 109 15.54 -1.40 -1.60
C GLY A 109 16.81 -0.72 -2.10
N ASN A 110 17.02 0.53 -1.68
CA ASN A 110 18.17 1.33 -2.09
C ASN A 110 18.90 1.96 -0.90
N ALA A 111 19.13 1.14 0.11
CA ALA A 111 19.87 1.54 1.30
C ALA A 111 21.25 2.05 0.99
N LEU A 112 21.93 1.37 0.07
CA LEU A 112 23.28 1.75 -0.26
C LEU A 112 23.34 3.13 -0.90
N ALA A 113 22.49 3.32 -1.92
CA ALA A 113 22.30 4.61 -2.56
C ALA A 113 21.94 5.69 -1.54
N ALA A 114 20.96 5.41 -0.67
CA ALA A 114 20.56 6.38 0.36
C ALA A 114 21.71 6.72 1.29
N SER A 115 22.54 5.72 1.62
CA SER A 115 23.73 5.95 2.44
C SER A 115 24.72 6.87 1.77
N LEU A 116 25.01 6.59 0.51
CA LEU A 116 25.96 7.41 -0.23
C LEU A 116 25.48 8.87 -0.38
N ASN A 117 24.19 9.04 -0.64
CA ASN A 117 23.55 10.36 -0.76
C ASN A 117 23.71 11.14 0.57
N HIS A 118 23.49 10.44 1.67
CA HIS A 118 23.70 11.01 2.99
C HIS A 118 25.14 11.41 3.21
N TYR A 119 26.09 10.55 2.82
CA TYR A 119 27.51 10.82 3.07
C TYR A 119 27.96 12.03 2.26
N ALA A 120 27.37 12.24 1.10
CA ALA A 120 27.74 13.39 0.26
C ALA A 120 27.18 14.71 0.81
N GLY A 121 26.25 14.64 1.77
CA GLY A 121 25.72 15.83 2.43
C GLY A 121 24.39 16.29 1.86
N TYR A 122 23.80 15.48 0.98
CA TYR A 122 22.46 15.76 0.47
C TYR A 122 21.38 15.46 1.48
N GLU A 123 20.22 16.07 1.28
CA GLU A 123 19.05 15.78 2.08
C GLU A 123 18.53 14.38 1.81
N GLN A 124 17.80 13.85 2.76
CA GLN A 124 17.27 12.51 2.62
C GLN A 124 16.12 12.53 1.61
N VAL A 125 16.37 12.04 0.39
CA VAL A 125 15.39 12.06 -0.68
C VAL A 125 15.14 10.66 -1.22
N THR A 126 14.07 10.52 -2.02
CA THR A 126 13.66 9.22 -2.54
C THR A 126 13.33 9.34 -4.01
N ASN A 127 13.12 8.19 -4.63
CA ASN A 127 12.66 8.12 -6.02
C ASN A 127 13.58 8.86 -6.98
N GLU A 128 12.99 9.72 -7.81
CA GLU A 128 13.71 10.40 -8.88
C GLU A 128 14.83 11.28 -8.32
N ASP A 129 14.52 12.01 -7.25
CA ASP A 129 15.48 12.92 -6.60
C ASP A 129 16.70 12.15 -6.15
N LEU A 130 16.50 10.98 -5.55
CA LEU A 130 17.64 10.13 -5.14
C LEU A 130 18.45 9.67 -6.36
N LEU A 131 17.73 9.28 -7.41
CA LEU A 131 18.39 8.83 -8.62
C LEU A 131 19.24 9.95 -9.22
N THR A 132 18.66 11.14 -9.30
CA THR A 132 19.40 12.29 -9.79
C THR A 132 20.62 12.54 -8.91
N ASN A 133 20.43 12.60 -7.59
CA ASN A 133 21.58 12.85 -6.71
C ASN A 133 22.70 11.82 -6.92
N CYS A 134 22.33 10.54 -7.04
CA CYS A 134 23.35 9.50 -7.19
C CYS A 134 24.04 9.60 -8.57
N THR A 135 23.29 9.97 -9.59
CA THR A 135 23.89 10.26 -10.90
C THR A 135 24.87 11.45 -10.83
N LEU A 136 24.49 12.49 -10.08
CA LEU A 136 25.39 13.63 -9.89
C LEU A 136 26.72 13.20 -9.24
N LEU A 137 26.67 12.34 -8.23
CA LEU A 137 27.92 11.79 -7.65
C LEU A 137 28.76 11.05 -8.69
N LEU A 138 28.11 10.27 -9.54
CA LEU A 138 28.82 9.60 -10.64
C LEU A 138 29.49 10.61 -11.57
N CYS A 139 28.75 11.65 -11.94
CA CYS A 139 29.28 12.72 -12.80
C CYS A 139 30.44 13.48 -12.14
N ARG A 140 30.38 13.68 -10.83
CA ARG A 140 31.52 14.26 -10.12
C ARG A 140 32.71 13.30 -9.95
N ARG A 141 32.48 12.00 -10.13
CA ARG A 141 33.55 11.00 -10.30
C ARG A 141 34.42 10.63 -9.07
N LEU A 142 34.15 11.18 -7.89
CA LEU A 142 34.97 10.85 -6.70
C LEU A 142 34.66 9.44 -6.18
N LEU A 143 35.68 8.81 -5.62
CA LEU A 143 35.62 7.45 -5.15
C LEU A 143 35.97 7.39 -3.67
N SER A 144 35.43 6.39 -3.01
CA SER A 144 35.77 6.07 -1.63
C SER A 144 35.77 4.57 -1.43
N PRO A 145 36.72 4.07 -0.64
CA PRO A 145 36.69 2.65 -0.34
C PRO A 145 35.60 2.30 0.67
N MET A 146 35.08 1.08 0.56
CA MET A 146 33.95 0.61 1.32
C MET A 146 34.33 -0.74 1.97
N ASN A 147 33.80 -0.95 3.16
CA ASN A 147 33.98 -2.20 3.89
C ASN A 147 33.13 -3.28 3.28
N LEU A 148 33.56 -4.52 3.49
CA LEU A 148 32.88 -5.66 2.95
C LEU A 148 32.70 -6.70 4.06
N LEU A 149 31.51 -7.24 4.20
CA LEU A 149 31.19 -8.26 5.22
C LEU A 149 31.31 -9.68 4.63
N SER A 150 32.22 -10.51 5.15
CA SER A 150 32.29 -11.93 4.80
C SER A 150 31.42 -12.76 5.74
N LEU A 151 30.48 -13.52 5.18
CA LEU A 151 29.55 -14.31 5.95
C LEU A 151 29.71 -15.80 5.65
N HIS A 152 29.65 -16.59 6.73
CA HIS A 152 29.69 -18.06 6.69
C HIS A 152 28.43 -18.62 7.27
N THR A 153 27.83 -19.61 6.61
CA THR A 153 26.62 -20.24 7.14
C THR A 153 26.94 -21.61 7.66
N ALA A 154 26.03 -22.21 8.42
CA ALA A 154 26.28 -23.52 9.01
C ALA A 154 26.47 -24.63 7.95
N SER A 155 25.87 -24.48 6.78
CA SER A 155 26.09 -25.42 5.67
C SER A 155 27.50 -25.29 5.05
N GLY A 156 28.26 -24.27 5.46
CA GLY A 156 29.60 -24.05 4.93
C GLY A 156 29.65 -23.08 3.76
N LEU A 157 28.51 -22.51 3.37
CA LEU A 157 28.49 -21.47 2.34
C LEU A 157 29.20 -20.22 2.85
N ARG A 158 30.07 -19.65 2.01
CA ARG A 158 30.77 -18.40 2.28
C ARG A 158 30.26 -17.37 1.27
N LEU A 159 29.73 -16.25 1.75
CA LEU A 159 29.22 -15.19 0.88
C LEU A 159 29.58 -13.81 1.43
N PHE A 160 29.35 -12.77 0.61
CA PHE A 160 29.74 -11.41 0.95
C PHE A 160 28.52 -10.51 0.98
N SER A 161 28.57 -9.56 1.88
CA SER A 161 27.46 -8.65 2.12
C SER A 161 28.01 -7.24 2.06
N VAL A 162 27.31 -6.38 1.34
CA VAL A 162 27.74 -4.99 1.17
C VAL A 162 27.01 -4.03 2.09
N LEU A 163 25.93 -4.48 2.69
CA LEU A 163 25.12 -3.60 3.50
C LEU A 163 24.72 -4.18 4.87
N SER A 164 24.03 -5.31 4.89
CA SER A 164 23.43 -5.75 6.14
C SER A 164 23.20 -7.24 6.25
N LEU A 165 23.16 -7.69 7.49
CA LEU A 165 22.61 -8.98 7.86
C LEU A 165 21.62 -8.75 8.99
N ALA A 166 20.39 -9.18 8.80
CA ALA A 166 19.35 -8.96 9.78
C ALA A 166 18.69 -10.27 10.16
N TRP A 167 18.24 -10.34 11.42
CA TRP A 167 17.57 -11.51 11.95
C TRP A 167 16.49 -11.03 12.90
N GLY A 168 15.39 -11.78 12.97
CA GLY A 168 14.26 -11.41 13.81
C GLY A 168 13.35 -10.38 13.16
N PHE A 169 12.93 -9.39 13.94
CA PHE A 169 11.90 -8.46 13.51
C PHE A 169 12.18 -7.88 12.12
N ILE A 170 13.41 -7.40 11.93
CA ILE A 170 13.81 -6.73 10.68
C ILE A 170 13.68 -7.66 9.47
N ALA A 171 14.14 -8.91 9.62
CA ALA A 171 14.00 -9.89 8.55
C ALA A 171 12.53 -10.24 8.30
N ASP A 172 11.73 -10.30 9.35
CA ASP A 172 10.31 -10.58 9.19
C ASP A 172 9.60 -9.41 8.48
N VAL A 173 10.03 -8.19 8.75
CA VAL A 173 9.46 -7.05 8.06
C VAL A 173 9.78 -7.13 6.55
N ASP A 174 10.95 -7.67 6.18
CA ASP A 174 11.23 -7.92 4.75
C ASP A 174 10.22 -8.88 4.10
N LEU A 175 10.01 -10.04 4.73
CA LEU A 175 9.06 -11.04 4.24
C LEU A 175 7.67 -10.43 4.07
N GLU A 176 7.15 -9.81 5.12
CA GLU A 176 5.87 -9.14 5.07
C GLU A 176 5.84 -8.01 4.04
N SER A 177 6.98 -7.36 3.82
CA SER A 177 7.03 -6.17 2.95
C SER A 177 6.93 -6.47 1.47
N GLU A 178 7.58 -7.55 1.02
CA GLU A 178 7.69 -7.88 -0.42
C GLU A 178 6.38 -7.76 -1.18
N LYS A 179 5.30 -8.22 -0.57
CA LYS A 179 3.97 -8.17 -1.20
C LYS A 179 3.33 -6.76 -1.26
N TYR A 180 4.09 -5.71 -0.98
CA TYR A 180 3.59 -4.34 -1.04
C TYR A 180 4.54 -3.39 -1.74
N ARG A 181 5.34 -3.91 -2.66
CA ARG A 181 6.29 -3.09 -3.44
C ARG A 181 5.58 -1.92 -4.11
N ARG A 182 4.33 -2.15 -4.51
CA ARG A 182 3.48 -1.15 -5.14
C ARG A 182 3.39 0.12 -4.29
N LEU A 183 3.46 -0.01 -2.97
CA LEU A 183 3.45 1.15 -2.08
C LEU A 183 4.78 1.90 -1.99
N GLY A 184 5.82 1.39 -2.65
CA GLY A 184 7.14 1.99 -2.54
C GLY A 184 7.66 1.88 -1.11
N GLU A 185 8.23 2.97 -0.61
CA GLU A 185 8.93 2.97 0.66
C GLU A 185 7.93 2.92 1.86
N MET A 186 6.65 3.10 1.56
CA MET A 186 5.62 2.94 2.57
C MET A 186 5.46 1.48 2.99
N ARG A 187 5.90 0.54 2.15
CA ARG A 187 5.72 -0.89 2.45
C ARG A 187 6.44 -1.35 3.72
N PHE A 188 7.52 -0.65 4.08
CA PHE A 188 8.25 -0.96 5.31
C PHE A 188 7.50 -0.48 6.52
N THR A 189 6.72 0.60 6.36
CA THR A 189 5.91 1.09 7.45
C THR A 189 4.78 0.10 7.69
N LEU A 190 4.13 -0.34 6.61
CA LEU A 190 3.04 -1.30 6.67
C LEU A 190 3.52 -2.60 7.32
N GLY A 191 4.58 -3.16 6.75
CA GLY A 191 5.22 -4.37 7.29
C GLY A 191 5.60 -4.27 8.75
N THR A 192 6.21 -3.14 9.12
CA THR A 192 6.60 -2.91 10.49
C THR A 192 5.39 -2.87 11.42
N PHE A 193 4.34 -2.15 11.01
CA PHE A 193 3.14 -2.01 11.82
C PHE A 193 2.49 -3.37 12.03
N LEU A 194 2.36 -4.14 10.96
CA LEU A 194 1.79 -5.50 11.05
C LEU A 194 2.55 -6.35 12.05
N ARG A 195 3.87 -6.38 11.91
CA ARG A 195 4.70 -7.20 12.78
C ARG A 195 4.68 -6.69 14.21
N LEU A 196 4.48 -5.37 14.37
CA LEU A 196 4.42 -4.77 15.70
C LEU A 196 3.18 -5.25 16.42
N ALA A 197 2.09 -5.34 15.68
CA ALA A 197 0.81 -5.73 16.26
C ALA A 197 0.83 -7.22 16.64
N ALA A 198 1.62 -8.00 15.90
CA ALA A 198 1.81 -9.43 16.16
C ALA A 198 3.22 -9.71 16.69
N LEU A 199 3.71 -8.86 17.61
CA LEU A 199 5.13 -8.86 18.00
C LEU A 199 5.51 -10.21 18.54
N ARG A 200 6.72 -10.66 18.21
CA ARG A 200 7.24 -11.86 18.80
C ARG A 200 8.73 -11.73 19.01
N THR A 201 9.30 -12.67 19.76
CA THR A 201 10.71 -12.65 20.08
C THR A 201 11.32 -13.91 19.50
N TYR A 202 12.64 -13.95 19.37
CA TYR A 202 13.34 -15.05 18.73
C TYR A 202 14.46 -15.49 19.66
N ARG A 203 14.60 -16.80 19.81
CA ARG A 203 15.58 -17.36 20.72
C ARG A 203 16.91 -17.56 20.00
N GLY A 204 18.00 -17.12 20.61
CA GLY A 204 19.28 -17.30 19.94
C GLY A 204 20.47 -16.90 20.78
N ARG A 205 21.64 -17.19 20.23
CA ARG A 205 22.91 -16.93 20.88
C ARG A 205 23.75 -15.96 20.03
N LEU A 206 24.07 -14.82 20.61
CA LEU A 206 24.78 -13.76 19.93
C LEU A 206 26.12 -13.59 20.61
N ALA A 207 27.18 -13.54 19.81
CA ALA A 207 28.50 -13.14 20.27
C ALA A 207 29.12 -12.21 19.25
N TYR A 208 30.06 -11.39 19.69
CA TYR A 208 30.70 -10.46 18.77
C TYR A 208 32.06 -10.02 19.30
N LEU A 209 32.86 -9.48 18.39
CA LEU A 209 34.16 -8.96 18.68
C LEU A 209 34.17 -7.46 18.52
N PRO A 210 34.08 -6.74 19.66
CA PRO A 210 34.07 -5.29 19.52
C PRO A 210 35.42 -4.77 19.08
N VAL A 211 35.39 -3.63 18.43
CA VAL A 211 36.59 -3.01 17.82
C VAL A 211 37.77 -2.88 18.78
N GLY A 212 37.51 -2.33 19.95
CA GLY A 212 38.57 -2.10 20.93
C GLY A 212 39.12 -3.36 21.59
N ARG A 213 38.50 -4.52 21.34
CA ARG A 213 38.95 -5.81 21.88
C ARG A 213 39.79 -6.59 20.87
N VAL A 214 39.95 -6.05 19.67
CA VAL A 214 40.84 -6.66 18.69
C VAL A 214 42.28 -6.45 19.19
N GLY A 215 43.05 -7.53 19.24
CA GLY A 215 44.41 -7.54 19.83
C GLY A 215 45.42 -7.76 18.75
N SER A 216 46.62 -8.20 19.12
CA SER A 216 47.68 -8.49 18.15
C SER A 216 47.68 -9.94 17.65
N LYS A 217 46.90 -10.80 18.30
CA LYS A 217 46.82 -12.23 17.97
C LYS A 217 45.43 -12.56 17.46
N THR A 218 45.35 -13.46 16.48
CA THR A 218 44.08 -14.03 16.04
C THR A 218 44.05 -15.52 16.43
N PRO A 219 42.87 -16.17 16.35
CA PRO A 219 42.80 -17.61 16.65
C PRO A 219 43.83 -18.44 15.89
N ALA A 220 44.39 -19.45 16.55
CA ALA A 220 45.41 -20.33 15.95
C ALA A 220 44.94 -20.99 14.65
N SER A 221 43.74 -21.54 14.68
CA SER A 221 43.16 -22.20 13.50
C SER A 221 41.80 -21.60 13.17
N PRO A 222 41.78 -20.57 12.30
CA PRO A 222 40.51 -19.96 11.90
C PRO A 222 39.72 -20.85 10.94
N VAL A 223 38.55 -20.38 10.51
CA VAL A 223 37.76 -21.05 9.47
C VAL A 223 38.61 -21.29 8.22
N VAL A 224 38.46 -22.46 7.60
CA VAL A 224 39.13 -22.76 6.33
C VAL A 224 38.29 -22.16 5.21
N VAL A 225 38.95 -21.44 4.31
CA VAL A 225 38.27 -20.80 3.19
C VAL A 225 38.87 -21.32 1.88
N GLN A 226 38.00 -21.62 0.92
CA GLN A 226 38.42 -22.12 -0.38
C GLN A 226 39.28 -21.07 -1.10
N GLN A 227 38.72 -19.87 -1.23
CA GLN A 227 39.43 -18.75 -1.83
C GLN A 227 39.48 -17.62 -0.82
N GLY A 228 40.59 -16.89 -0.80
CA GLY A 228 40.76 -15.80 0.14
C GLY A 228 39.69 -14.75 -0.06
N PRO A 229 39.64 -13.74 0.81
CA PRO A 229 40.59 -13.53 1.88
C PRO A 229 40.33 -14.48 3.03
N VAL A 230 41.26 -14.57 3.96
CA VAL A 230 41.00 -15.44 5.10
C VAL A 230 40.31 -14.60 6.17
N ASP A 231 39.32 -15.19 6.81
CA ASP A 231 38.64 -14.53 7.91
C ASP A 231 39.37 -14.90 9.18
N ALA A 232 40.42 -14.14 9.46
CA ALA A 232 41.36 -14.48 10.52
C ALA A 232 40.74 -14.39 11.92
N HIS A 233 39.68 -13.58 12.06
CA HIS A 233 38.99 -13.44 13.34
C HIS A 233 38.05 -14.58 13.65
N LEU A 234 37.70 -15.38 12.65
CA LEU A 234 36.66 -16.38 12.78
C LEU A 234 37.23 -17.76 13.00
N VAL A 235 36.62 -18.53 13.91
CA VAL A 235 36.89 -19.95 14.07
C VAL A 235 35.68 -20.72 13.62
N PRO A 236 35.85 -22.02 13.31
CA PRO A 236 34.70 -22.79 12.81
C PRO A 236 33.47 -22.72 13.70
N LEU A 237 32.31 -22.81 13.07
CA LEU A 237 31.05 -22.74 13.79
C LEU A 237 30.88 -23.85 14.80
N GLU A 238 31.63 -24.94 14.64
CA GLU A 238 31.61 -26.06 15.60
C GLU A 238 32.39 -25.77 16.89
N GLU A 239 33.26 -24.75 16.87
CA GLU A 239 34.02 -24.36 18.05
C GLU A 239 33.39 -23.14 18.74
N PRO A 240 33.61 -22.99 20.06
CA PRO A 240 33.16 -21.78 20.74
C PRO A 240 33.91 -20.57 20.17
N VAL A 241 33.29 -19.39 20.24
CA VAL A 241 33.99 -18.16 19.86
C VAL A 241 35.19 -17.94 20.77
N PRO A 242 36.23 -17.26 20.26
CA PRO A 242 37.40 -17.00 21.11
C PRO A 242 37.03 -16.28 22.41
N SER A 243 37.89 -16.43 23.41
CA SER A 243 37.57 -15.97 24.77
C SER A 243 37.54 -14.44 24.91
N HIS A 244 38.21 -13.73 24.00
CA HIS A 244 38.17 -12.26 24.04
C HIS A 244 36.92 -11.65 23.33
N TRP A 245 36.07 -12.47 22.74
CA TRP A 245 34.77 -11.99 22.26
C TRP A 245 33.79 -11.75 23.43
N THR A 246 32.78 -10.95 23.17
CA THR A 246 31.66 -10.79 24.09
C THR A 246 30.54 -11.73 23.71
N VAL A 247 30.12 -12.54 24.67
CA VAL A 247 28.96 -13.38 24.48
C VAL A 247 27.84 -12.69 25.22
N VAL A 248 26.83 -12.25 24.47
CA VAL A 248 25.62 -11.63 25.06
C VAL A 248 24.89 -12.63 25.98
N PRO A 249 24.60 -12.22 27.23
CA PRO A 249 23.92 -13.17 28.16
C PRO A 249 22.48 -13.45 27.73
N ASP A 250 21.82 -12.40 27.30
CA ASP A 250 20.45 -12.48 26.84
C ASP A 250 20.36 -13.42 25.65
N GLU A 251 19.40 -14.33 25.69
CA GLU A 251 19.19 -15.26 24.60
C GLU A 251 17.80 -15.12 24.00
N ASP A 252 17.14 -14.01 24.30
CA ASP A 252 15.87 -13.69 23.69
C ASP A 252 15.89 -12.29 23.10
N PHE A 253 15.53 -12.20 21.82
CA PHE A 253 15.74 -10.98 21.05
C PHE A 253 14.51 -10.60 20.29
N VAL A 254 14.31 -9.30 20.06
CA VAL A 254 13.34 -8.92 19.01
C VAL A 254 14.06 -8.83 17.66
N LEU A 255 15.31 -8.35 17.66
CA LEU A 255 16.11 -8.32 16.44
C LEU A 255 17.60 -8.25 16.68
N VAL A 256 18.33 -8.68 15.64
CA VAL A 256 19.74 -8.42 15.53
C VAL A 256 20.07 -7.86 14.13
N LEU A 257 20.89 -6.82 14.10
CA LEU A 257 21.25 -6.17 12.84
C LEU A 257 22.74 -5.81 12.81
N ALA A 258 23.42 -6.37 11.83
CA ALA A 258 24.74 -5.95 11.48
C ALA A 258 24.60 -5.05 10.24
N LEU A 259 25.12 -3.84 10.31
CA LEU A 259 24.89 -2.83 9.29
C LEU A 259 26.19 -2.12 8.98
N LEU A 260 26.52 -2.05 7.70
CA LEU A 260 27.80 -1.49 7.29
C LEU A 260 27.67 0.01 6.98
N HIS A 261 26.44 0.51 6.88
CA HIS A 261 26.18 1.85 6.38
C HIS A 261 25.20 2.61 7.26
N SER A 262 24.93 3.85 6.88
CA SER A 262 24.08 4.76 7.68
C SER A 262 22.60 4.43 7.56
N HIS A 263 22.21 3.91 6.40
CA HIS A 263 20.83 3.75 6.03
C HIS A 263 20.42 2.31 5.77
N LEU A 264 19.22 1.98 6.25
CA LEU A 264 18.53 0.74 5.95
C LEU A 264 17.61 0.85 4.76
N GLY A 265 17.36 2.08 4.33
CA GLY A 265 16.43 2.38 3.26
C GLY A 265 16.47 3.87 3.05
N SER A 266 15.85 4.37 1.98
CA SER A 266 15.93 5.79 1.67
C SER A 266 15.26 6.69 2.73
N GLU A 267 14.33 6.15 3.51
CA GLU A 267 13.69 6.90 4.61
C GLU A 267 14.01 6.30 6.00
N MET A 268 15.13 5.59 6.12
CA MET A 268 15.49 4.91 7.37
C MET A 268 16.96 5.15 7.73
N PHE A 269 17.18 6.18 8.55
CA PHE A 269 18.51 6.61 8.94
C PHE A 269 18.84 5.87 10.21
N ALA A 270 19.28 4.62 10.04
CA ALA A 270 19.43 3.68 11.15
C ALA A 270 20.66 3.91 12.01
N ALA A 271 21.73 4.42 11.42
CA ALA A 271 23.01 4.52 12.13
C ALA A 271 23.56 5.94 12.10
N PRO A 272 23.03 6.82 12.98
CA PRO A 272 23.39 8.25 12.94
C PRO A 272 24.67 8.58 13.70
N MET A 273 25.31 7.59 14.30
CA MET A 273 26.49 7.82 15.11
C MET A 273 27.76 8.06 14.31
N GLY A 274 27.66 8.03 12.99
CA GLY A 274 28.81 8.37 12.18
C GLY A 274 29.25 7.23 11.30
N ARG A 275 29.97 7.60 10.25
CA ARG A 275 30.42 6.66 9.25
C ARG A 275 31.35 5.64 9.89
N CYS A 276 31.18 4.36 9.56
CA CYS A 276 32.08 3.34 10.09
C CYS A 276 33.52 3.57 9.70
N ALA A 277 34.44 3.35 10.63
CA ALA A 277 35.87 3.33 10.30
C ALA A 277 36.22 2.16 9.39
N ALA A 278 37.39 2.19 8.76
CA ALA A 278 37.86 1.01 8.01
C ALA A 278 37.84 -0.26 8.88
N GLY A 279 37.18 -1.30 8.41
CA GLY A 279 37.15 -2.60 9.08
C GLY A 279 36.16 -2.77 10.23
N VAL A 280 35.24 -1.81 10.38
CA VAL A 280 34.24 -1.80 11.42
C VAL A 280 32.83 -1.76 10.82
N MET A 281 31.89 -2.43 11.47
CA MET A 281 30.48 -2.29 11.17
C MET A 281 29.66 -2.03 12.43
N HIS A 282 28.43 -1.56 12.22
CA HIS A 282 27.48 -1.37 13.30
C HIS A 282 26.84 -2.68 13.65
N LEU A 283 26.75 -2.97 14.94
CA LEU A 283 25.91 -4.05 15.43
C LEU A 283 24.83 -3.47 16.32
N PHE A 284 23.58 -3.81 16.01
CA PHE A 284 22.46 -3.46 16.90
C PHE A 284 21.77 -4.74 17.34
N TYR A 285 21.29 -4.74 18.57
CA TYR A 285 20.28 -5.71 18.93
C TYR A 285 19.28 -5.13 19.89
N VAL A 286 18.08 -5.69 19.84
CA VAL A 286 17.05 -5.34 20.76
C VAL A 286 16.68 -6.61 21.51
N ARG A 287 16.80 -6.50 22.84
CA ARG A 287 16.49 -7.56 23.80
C ARG A 287 14.98 -7.65 24.02
N ALA A 288 14.48 -8.85 24.21
CA ALA A 288 13.07 -9.05 24.55
C ALA A 288 12.75 -8.25 25.82
N GLY A 289 11.53 -7.74 25.93
CA GLY A 289 11.16 -6.90 27.07
C GLY A 289 10.67 -5.54 26.67
N VAL A 290 11.18 -4.99 25.55
CA VAL A 290 10.64 -3.72 25.08
C VAL A 290 9.18 -3.88 24.80
N SER A 291 8.43 -2.81 25.04
CA SER A 291 7.01 -2.81 24.70
C SER A 291 6.84 -2.51 23.21
N ARG A 292 5.71 -2.94 22.67
CA ARG A 292 5.29 -2.56 21.32
C ARG A 292 5.25 -1.03 21.07
N ALA A 293 4.86 -0.27 22.09
CA ALA A 293 4.84 1.20 21.99
C ALA A 293 6.25 1.78 21.85
N MET A 294 7.19 1.31 22.65
CA MET A 294 8.55 1.85 22.55
C MET A 294 9.19 1.50 21.20
N LEU A 295 8.98 0.28 20.71
CA LEU A 295 9.49 -0.14 19.39
C LEU A 295 8.90 0.73 18.28
N LEU A 296 7.62 1.04 18.40
CA LEU A 296 6.98 1.93 17.45
C LEU A 296 7.69 3.27 17.44
N ARG A 297 7.99 3.80 18.62
CA ARG A 297 8.61 5.13 18.70
C ARG A 297 10.05 5.11 18.18
N LEU A 298 10.75 4.02 18.42
CA LEU A 298 12.08 3.85 17.84
C LEU A 298 12.01 3.85 16.31
N PHE A 299 11.06 3.09 15.76
CA PHE A 299 10.88 3.04 14.30
C PHE A 299 10.55 4.39 13.69
N LEU A 300 9.61 5.12 14.30
CA LEU A 300 9.18 6.41 13.75
C LEU A 300 10.31 7.43 13.81
N ALA A 301 11.09 7.38 14.90
CA ALA A 301 12.24 8.27 15.07
C ALA A 301 13.38 7.96 14.11
N MET A 302 13.41 6.75 13.56
CA MET A 302 14.46 6.33 12.62
C MET A 302 14.52 7.15 11.36
N GLU A 303 13.40 7.65 10.88
CA GLU A 303 13.41 8.42 9.66
C GLU A 303 14.39 9.61 9.76
N LYS A 304 14.39 10.28 10.91
CA LYS A 304 15.29 11.40 11.12
C LYS A 304 16.56 10.99 11.88
N GLY A 305 16.75 9.69 12.12
CA GLY A 305 17.90 9.22 12.88
C GLY A 305 17.95 9.70 14.32
N ARG A 306 16.77 9.74 14.98
CA ARG A 306 16.66 10.22 16.36
C ARG A 306 16.34 9.12 17.38
N HIS A 307 16.20 7.89 16.89
CA HIS A 307 15.86 6.74 17.73
C HIS A 307 16.85 6.49 18.88
N MET A 308 18.12 6.86 18.72
CA MET A 308 19.12 6.64 19.76
C MET A 308 18.98 7.63 20.91
N GLU A 309 18.35 8.77 20.65
CA GLU A 309 18.15 9.79 21.67
C GLU A 309 17.21 9.29 22.77
N TYR A 310 16.34 8.35 22.44
CA TYR A 310 15.46 7.74 23.45
C TYR A 310 16.20 7.02 24.57
N GLU A 311 17.41 6.56 24.28
CA GLU A 311 18.22 5.81 25.24
C GLU A 311 17.47 4.58 25.78
N CYS A 312 16.73 3.92 24.88
CA CYS A 312 15.96 2.74 25.26
C CYS A 312 16.86 1.63 25.82
N PRO A 313 16.58 1.16 27.05
CA PRO A 313 17.54 0.22 27.63
C PRO A 313 17.58 -1.15 26.92
N TYR A 314 16.56 -1.48 26.15
CA TYR A 314 16.51 -2.73 25.40
C TYR A 314 17.30 -2.69 24.08
N LEU A 315 17.64 -1.49 23.62
CA LEU A 315 18.44 -1.32 22.39
C LEU A 315 19.92 -1.19 22.70
N VAL A 316 20.73 -2.11 22.18
CA VAL A 316 22.18 -2.07 22.33
C VAL A 316 22.84 -1.79 20.97
N TYR A 317 23.79 -0.88 20.98
CA TYR A 317 24.62 -0.57 19.82
C TYR A 317 26.08 -0.81 20.18
N VAL A 318 26.79 -1.53 19.33
CA VAL A 318 28.22 -1.66 19.46
C VAL A 318 28.91 -1.74 18.11
N PRO A 319 30.02 -1.03 17.96
CA PRO A 319 30.86 -1.20 16.76
C PRO A 319 31.67 -2.47 16.86
N VAL A 320 31.57 -3.32 15.84
CA VAL A 320 32.24 -4.62 15.86
C VAL A 320 33.03 -4.89 14.58
N VAL A 321 33.89 -5.91 14.63
CA VAL A 321 34.59 -6.39 13.47
C VAL A 321 34.11 -7.79 13.04
N ALA A 322 33.39 -8.45 13.93
CA ALA A 322 33.00 -9.82 13.72
C ALA A 322 31.85 -10.13 14.63
N PHE A 323 31.04 -11.10 14.23
CA PHE A 323 29.94 -11.58 15.07
C PHE A 323 29.62 -13.03 14.74
N ARG A 324 28.88 -13.66 15.66
CA ARG A 324 28.29 -14.98 15.45
C ARG A 324 26.88 -14.96 15.96
N LEU A 325 25.95 -15.49 15.17
CA LEU A 325 24.56 -15.57 15.58
C LEU A 325 24.00 -16.98 15.35
N GLU A 326 23.57 -17.61 16.44
CA GLU A 326 23.00 -18.95 16.38
C GLU A 326 21.57 -18.95 16.92
N PRO A 327 20.59 -18.97 16.01
CA PRO A 327 19.21 -19.11 16.44
C PRO A 327 19.01 -20.42 17.15
N LYS A 328 18.26 -20.42 18.25
CA LYS A 328 17.91 -21.66 18.91
C LYS A 328 16.72 -22.23 18.15
N ASP A 329 16.41 -23.50 18.35
CA ASP A 329 15.25 -24.13 17.71
C ASP A 329 15.34 -24.12 16.18
N GLY A 330 16.23 -24.94 15.65
CA GLY A 330 16.33 -25.13 14.21
C GLY A 330 16.86 -23.92 13.47
N LYS A 331 16.50 -23.82 12.19
CA LYS A 331 17.03 -22.80 11.32
C LYS A 331 16.39 -21.46 11.61
N GLY A 332 17.14 -20.39 11.36
CA GLY A 332 16.61 -19.04 11.45
C GLY A 332 16.52 -18.45 10.05
N VAL A 333 15.64 -17.47 9.86
CA VAL A 333 15.59 -16.76 8.57
C VAL A 333 16.31 -15.43 8.70
N PHE A 334 17.27 -15.22 7.81
CA PHE A 334 18.08 -14.02 7.79
C PHE A 334 17.76 -13.23 6.53
N ALA A 335 17.97 -11.92 6.60
CA ALA A 335 18.00 -11.09 5.41
C ALA A 335 19.44 -10.64 5.22
N VAL A 336 20.01 -10.90 4.04
CA VAL A 336 21.37 -10.45 3.73
C VAL A 336 21.29 -9.48 2.56
N ASP A 337 21.63 -8.21 2.81
CA ASP A 337 21.44 -7.15 1.81
C ASP A 337 20.02 -7.20 1.23
N GLY A 338 19.04 -7.47 2.09
CA GLY A 338 17.63 -7.52 1.71
C GLY A 338 17.12 -8.84 1.14
N GLU A 339 17.99 -9.84 0.99
CA GLU A 339 17.60 -11.11 0.39
C GLU A 339 17.45 -12.19 1.46
N LEU A 340 16.45 -13.05 1.28
CA LEU A 340 16.15 -14.14 2.20
C LEU A 340 17.30 -15.16 2.25
N MET A 341 17.61 -15.65 3.44
CA MET A 341 18.62 -16.69 3.64
C MET A 341 18.31 -17.42 4.94
N VAL A 342 18.22 -18.74 4.85
CA VAL A 342 17.87 -19.58 5.99
C VAL A 342 19.07 -20.42 6.38
N SER A 343 19.34 -20.49 7.68
CA SER A 343 20.48 -21.24 8.17
C SER A 343 20.42 -21.46 9.67
N GLU A 344 21.08 -22.53 10.11
CA GLU A 344 21.19 -22.88 11.52
C GLU A 344 22.09 -21.88 12.24
N ALA A 345 23.05 -21.29 11.53
CA ALA A 345 23.96 -20.34 12.17
C ALA A 345 24.74 -19.56 11.12
N VAL A 346 25.12 -18.34 11.48
CA VAL A 346 25.89 -17.50 10.60
C VAL A 346 26.94 -16.80 11.42
N GLN A 347 28.08 -16.55 10.83
CA GLN A 347 29.02 -15.65 11.44
C GLN A 347 29.70 -14.86 10.35
N GLY A 348 30.33 -13.77 10.73
CA GLY A 348 30.93 -12.90 9.75
C GLY A 348 31.99 -12.00 10.32
N GLN A 349 32.83 -11.50 9.43
CA GLN A 349 33.82 -10.52 9.80
C GLN A 349 33.95 -9.51 8.70
N VAL A 350 34.32 -8.30 9.11
CA VAL A 350 34.40 -7.17 8.18
C VAL A 350 35.77 -7.20 7.58
N HIS A 351 35.86 -6.88 6.30
CA HIS A 351 37.13 -6.66 5.66
C HIS A 351 37.22 -5.19 5.30
N PRO A 352 38.31 -4.54 5.66
CA PRO A 352 38.46 -3.08 5.53
C PRO A 352 38.63 -2.59 4.08
N ASN A 353 37.81 -1.61 3.67
CA ASN A 353 38.11 -0.81 2.45
C ASN A 353 38.43 -1.70 1.26
N TYR A 354 37.59 -2.67 1.03
CA TYR A 354 37.88 -3.73 0.07
C TYR A 354 37.47 -3.37 -1.33
N PHE A 355 36.41 -2.60 -1.48
CA PHE A 355 35.98 -2.19 -2.81
C PHE A 355 35.78 -0.70 -2.84
N TRP A 356 35.64 -0.16 -4.04
CA TRP A 356 35.56 1.27 -4.26
C TRP A 356 34.22 1.64 -4.88
N MET A 357 33.59 2.65 -4.32
CA MET A 357 32.36 3.16 -4.87
C MET A 357 32.54 4.59 -5.24
N VAL A 358 31.84 4.99 -6.29
CA VAL A 358 31.70 6.42 -6.51
C VAL A 358 30.83 6.94 -5.36
N SER A 359 31.21 8.10 -4.87
CA SER A 359 30.52 8.72 -3.76
C SER A 359 30.97 10.18 -3.67
N GLY A 360 30.31 10.96 -2.84
CA GLY A 360 30.58 12.39 -2.78
C GLY A 360 31.72 12.75 -1.87
N SER B 4 -11.23 -40.03 -22.49
CA SER B 4 -11.56 -38.73 -21.86
C SER B 4 -10.51 -38.41 -20.80
N GLY B 5 -10.76 -37.37 -20.01
CA GLY B 5 -9.74 -36.81 -19.13
C GLY B 5 -8.72 -35.95 -19.85
N VAL B 6 -8.75 -35.91 -21.18
CA VAL B 6 -7.82 -35.09 -21.99
C VAL B 6 -8.57 -34.33 -23.09
N LEU B 7 -8.30 -33.05 -23.24
CA LEU B 7 -8.90 -32.29 -24.33
C LEU B 7 -8.31 -32.79 -25.64
N PRO B 8 -9.09 -32.74 -26.72
CA PRO B 8 -8.50 -33.06 -28.03
C PRO B 8 -7.41 -32.09 -28.44
N ARG B 9 -6.52 -32.53 -29.31
CA ARG B 9 -5.52 -31.66 -29.92
C ARG B 9 -5.59 -31.81 -31.44
N PRO B 10 -5.78 -30.69 -32.17
CA PRO B 10 -6.09 -29.35 -31.69
C PRO B 10 -7.49 -29.27 -31.12
N CYS B 11 -7.80 -28.13 -30.52
CA CYS B 11 -9.14 -27.90 -29.99
C CYS B 11 -9.50 -26.44 -30.11
N ARG B 12 -10.73 -26.13 -29.75
CA ARG B 12 -11.26 -24.77 -29.81
C ARG B 12 -11.86 -24.47 -28.49
N VAL B 13 -11.58 -23.30 -27.95
CA VAL B 13 -12.21 -22.91 -26.71
C VAL B 13 -12.90 -21.56 -26.82
N LEU B 14 -13.94 -21.39 -26.04
CA LEU B 14 -14.55 -20.08 -25.91
C LEU B 14 -13.90 -19.41 -24.71
N VAL B 15 -13.30 -18.25 -24.94
CA VAL B 15 -12.77 -17.43 -23.83
C VAL B 15 -13.71 -16.29 -23.42
N LEU B 16 -14.34 -16.45 -22.26
CA LEU B 16 -15.14 -15.41 -21.66
C LEU B 16 -14.26 -14.51 -20.77
N LEU B 17 -14.06 -13.28 -21.22
CA LEU B 17 -13.13 -12.35 -20.60
C LEU B 17 -13.83 -11.07 -20.14
N ASN B 18 -13.63 -10.71 -18.87
CA ASN B 18 -14.10 -9.45 -18.34
C ASN B 18 -12.99 -8.40 -18.51
N PRO B 19 -13.10 -7.51 -19.51
CA PRO B 19 -12.03 -6.53 -19.75
C PRO B 19 -11.80 -5.52 -18.62
N ARG B 20 -12.70 -5.39 -17.66
CA ARG B 20 -12.44 -4.58 -16.45
C ARG B 20 -11.48 -5.27 -15.47
N GLY B 21 -11.39 -6.61 -15.52
CA GLY B 21 -10.57 -7.36 -14.58
C GLY B 21 -9.11 -6.94 -14.56
N GLY B 22 -8.51 -6.97 -13.38
CA GLY B 22 -7.11 -6.56 -13.21
C GLY B 22 -6.93 -5.10 -13.54
N LYS B 23 -7.81 -4.27 -12.99
CA LYS B 23 -7.81 -2.83 -13.21
C LYS B 23 -7.81 -2.50 -14.71
N GLY B 24 -8.59 -3.26 -15.47
CA GLY B 24 -8.80 -2.99 -16.89
C GLY B 24 -7.70 -3.47 -17.82
N LYS B 25 -6.92 -4.47 -17.42
CA LYS B 25 -5.84 -4.97 -18.28
C LYS B 25 -6.03 -6.42 -18.74
N ALA B 26 -7.15 -7.04 -18.38
CA ALA B 26 -7.36 -8.46 -18.65
C ALA B 26 -7.15 -8.80 -20.12
N LEU B 27 -7.68 -7.96 -21.02
CA LEU B 27 -7.49 -8.20 -22.45
C LEU B 27 -6.03 -8.09 -22.86
N GLN B 28 -5.33 -7.08 -22.34
CA GLN B 28 -3.89 -6.94 -22.58
C GLN B 28 -3.10 -8.17 -22.10
N LEU B 29 -3.43 -8.62 -20.90
CA LEU B 29 -2.79 -9.80 -20.32
C LEU B 29 -3.05 -11.05 -21.17
N PHE B 30 -4.29 -11.21 -21.64
CA PHE B 30 -4.59 -12.33 -22.52
C PHE B 30 -3.64 -12.31 -23.72
N ARG B 31 -3.56 -11.16 -24.38
CA ARG B 31 -2.65 -10.98 -25.52
C ARG B 31 -1.17 -11.27 -25.23
N SER B 32 -0.67 -10.80 -24.10
CA SER B 32 0.76 -10.96 -23.81
C SER B 32 1.10 -12.35 -23.23
N HIS B 33 0.28 -12.82 -22.29
CA HIS B 33 0.61 -14.01 -21.47
C HIS B 33 -0.10 -15.33 -21.85
N VAL B 34 -1.27 -15.23 -22.49
CA VAL B 34 -2.08 -16.40 -22.76
C VAL B 34 -2.01 -16.82 -24.23
N GLN B 35 -2.31 -15.87 -25.12
CA GLN B 35 -2.36 -16.17 -26.53
C GLN B 35 -1.14 -16.88 -27.13
N PRO B 36 0.10 -16.42 -26.82
CA PRO B 36 1.25 -17.13 -27.42
C PRO B 36 1.36 -18.61 -27.03
N LEU B 37 1.04 -18.91 -25.78
CA LEU B 37 1.01 -20.31 -25.33
C LEU B 37 -0.09 -21.10 -26.05
N LEU B 38 -1.29 -20.53 -26.16
CA LEU B 38 -2.38 -21.22 -26.86
C LEU B 38 -1.98 -21.57 -28.30
N ALA B 39 -1.39 -20.60 -29.00
CA ALA B 39 -0.87 -20.84 -30.36
C ALA B 39 0.10 -22.02 -30.43
N GLU B 40 1.11 -22.01 -29.56
CA GLU B 40 2.07 -23.11 -29.55
C GLU B 40 1.39 -24.44 -29.24
N ALA B 41 0.37 -24.44 -28.38
CA ALA B 41 -0.35 -25.67 -28.05
C ALA B 41 -1.52 -26.00 -29.01
N GLU B 42 -1.66 -25.24 -30.10
CA GLU B 42 -2.75 -25.43 -31.07
C GLU B 42 -4.14 -25.40 -30.44
N ILE B 43 -4.34 -24.46 -29.54
CA ILE B 43 -5.66 -24.21 -28.99
C ILE B 43 -6.16 -22.96 -29.70
N SER B 44 -7.16 -23.11 -30.57
CA SER B 44 -7.85 -21.95 -31.15
C SER B 44 -8.84 -21.46 -30.14
N PHE B 45 -9.10 -20.16 -30.19
CA PHE B 45 -9.98 -19.54 -29.24
C PHE B 45 -10.85 -18.51 -29.93
N THR B 46 -11.95 -18.20 -29.26
CA THR B 46 -12.80 -17.09 -29.58
C THR B 46 -13.02 -16.31 -28.30
N LEU B 47 -12.64 -15.04 -28.34
CA LEU B 47 -12.85 -14.10 -27.23
C LEU B 47 -14.25 -13.48 -27.24
N MET B 48 -14.98 -13.70 -26.15
CA MET B 48 -16.26 -13.05 -25.92
C MET B 48 -16.10 -12.15 -24.69
N LEU B 49 -16.48 -10.87 -24.82
CA LEU B 49 -16.32 -9.89 -23.74
C LEU B 49 -17.60 -9.79 -22.93
N THR B 50 -17.44 -9.82 -21.62
CA THR B 50 -18.56 -9.91 -20.73
C THR B 50 -18.30 -9.04 -19.50
N GLU B 51 -18.95 -7.89 -19.49
CA GLU B 51 -18.92 -6.96 -18.37
C GLU B 51 -20.33 -6.42 -18.20
N ARG B 52 -20.94 -6.74 -17.06
CA ARG B 52 -22.33 -6.43 -16.75
C ARG B 52 -22.84 -7.62 -15.97
N ARG B 53 -23.71 -7.35 -14.98
CA ARG B 53 -24.28 -8.40 -14.16
C ARG B 53 -24.90 -9.46 -15.06
N ASN B 54 -24.59 -10.73 -14.78
CA ASN B 54 -25.31 -11.86 -15.39
C ASN B 54 -25.17 -12.03 -16.91
N HIS B 55 -24.25 -11.29 -17.53
CA HIS B 55 -24.08 -11.38 -18.96
C HIS B 55 -23.51 -12.76 -19.35
N ALA B 56 -22.41 -13.14 -18.69
CA ALA B 56 -21.83 -14.45 -18.90
C ALA B 56 -22.87 -15.54 -18.63
N ARG B 57 -23.63 -15.38 -17.56
CA ARG B 57 -24.62 -16.38 -17.15
C ARG B 57 -25.64 -16.62 -18.26
N GLU B 58 -26.14 -15.52 -18.82
CA GLU B 58 -27.12 -15.56 -19.89
C GLU B 58 -26.52 -16.10 -21.17
N LEU B 59 -25.27 -15.71 -21.46
CA LEU B 59 -24.56 -16.20 -22.64
C LEU B 59 -24.41 -17.73 -22.66
N VAL B 60 -23.92 -18.26 -21.55
CA VAL B 60 -23.71 -19.70 -21.43
C VAL B 60 -25.03 -20.49 -21.40
N ARG B 61 -26.06 -19.94 -20.76
CA ARG B 61 -27.37 -20.54 -20.77
C ARG B 61 -27.89 -20.76 -22.20
N SER B 62 -27.53 -19.90 -23.12
CA SER B 62 -28.06 -19.91 -24.49
C SER B 62 -27.07 -20.44 -25.51
N GLU B 63 -25.82 -20.66 -25.10
CA GLU B 63 -24.75 -21.03 -26.02
C GLU B 63 -24.95 -22.41 -26.66
N GLU B 64 -24.57 -22.51 -27.91
CA GLU B 64 -24.37 -23.80 -28.59
C GLU B 64 -23.08 -24.45 -28.06
N LEU B 65 -23.18 -25.34 -27.08
CA LEU B 65 -21.97 -25.84 -26.41
C LEU B 65 -21.19 -26.79 -27.29
N GLY B 66 -21.87 -27.46 -28.21
CA GLY B 66 -21.26 -28.45 -29.08
C GLY B 66 -20.12 -27.94 -29.89
N ARG B 67 -20.02 -26.63 -30.07
CA ARG B 67 -18.95 -26.11 -30.89
C ARG B 67 -17.65 -25.82 -30.13
N TRP B 68 -17.65 -25.97 -28.80
CA TRP B 68 -16.44 -25.72 -28.02
C TRP B 68 -15.96 -26.98 -27.33
N ASP B 69 -14.66 -27.13 -27.23
CA ASP B 69 -14.07 -28.21 -26.45
C ASP B 69 -13.92 -27.83 -24.98
N ALA B 70 -13.85 -26.53 -24.69
CA ALA B 70 -13.84 -26.07 -23.30
C ALA B 70 -14.29 -24.63 -23.24
N LEU B 71 -14.72 -24.22 -22.07
CA LEU B 71 -14.98 -22.82 -21.75
C LEU B 71 -13.90 -22.31 -20.80
N VAL B 72 -13.25 -21.23 -21.21
CA VAL B 72 -12.16 -20.60 -20.48
C VAL B 72 -12.69 -19.26 -19.95
N VAL B 73 -12.61 -19.10 -18.64
CA VAL B 73 -13.13 -17.96 -17.98
C VAL B 73 -11.96 -17.13 -17.47
N MET B 74 -11.78 -15.95 -18.07
CA MET B 74 -10.68 -15.06 -17.71
C MET B 74 -11.18 -13.82 -16.97
N SER B 75 -11.25 -13.94 -15.66
CA SER B 75 -11.59 -12.84 -14.78
C SER B 75 -11.32 -13.36 -13.38
N GLY B 76 -12.34 -13.63 -12.59
CA GLY B 76 -12.13 -14.25 -11.30
C GLY B 76 -13.09 -15.36 -10.98
N ASP B 77 -13.13 -15.67 -9.70
CA ASP B 77 -14.02 -16.67 -9.14
C ASP B 77 -15.47 -16.28 -9.45
N GLY B 78 -15.73 -14.97 -9.52
CA GLY B 78 -17.08 -14.44 -9.74
C GLY B 78 -17.62 -14.83 -11.10
N LEU B 79 -16.80 -14.70 -12.14
CA LEU B 79 -17.22 -15.08 -13.48
C LEU B 79 -17.40 -16.60 -13.58
N MET B 80 -16.51 -17.36 -12.95
CA MET B 80 -16.70 -18.81 -12.89
C MET B 80 -18.04 -19.17 -12.22
N HIS B 81 -18.36 -18.48 -11.14
CA HIS B 81 -19.63 -18.71 -10.47
C HIS B 81 -20.78 -18.51 -11.45
N GLU B 82 -20.69 -17.46 -12.27
CA GLU B 82 -21.74 -17.12 -13.21
CA GLU B 82 -21.71 -17.09 -13.26
C GLU B 82 -21.84 -18.15 -14.34
N VAL B 83 -20.70 -18.63 -14.84
CA VAL B 83 -20.68 -19.63 -15.88
C VAL B 83 -21.29 -20.95 -15.43
N VAL B 84 -20.94 -21.40 -14.22
CA VAL B 84 -21.46 -22.66 -13.73
C VAL B 84 -22.97 -22.58 -13.41
N ASN B 85 -23.41 -21.45 -12.87
CA ASN B 85 -24.82 -21.27 -12.59
C ASN B 85 -25.66 -21.19 -13.87
N GLY B 86 -25.10 -20.56 -14.90
CA GLY B 86 -25.74 -20.52 -16.20
C GLY B 86 -25.88 -21.90 -16.82
N LEU B 87 -24.85 -22.73 -16.69
CA LEU B 87 -24.93 -24.08 -17.19
C LEU B 87 -25.98 -24.89 -16.43
N MET B 88 -26.06 -24.70 -15.11
CA MET B 88 -27.01 -25.46 -14.30
C MET B 88 -28.46 -24.97 -14.47
N GLU B 89 -28.64 -23.77 -15.00
CA GLU B 89 -29.97 -23.24 -15.31
C GLU B 89 -30.52 -23.71 -16.65
N ARG B 90 -29.76 -24.47 -17.42
CA ARG B 90 -30.22 -24.93 -18.73
C ARG B 90 -31.05 -26.20 -18.60
N PRO B 91 -31.94 -26.47 -19.58
CA PRO B 91 -32.72 -27.70 -19.49
C PRO B 91 -31.86 -28.93 -19.73
N ASP B 92 -30.80 -28.79 -20.50
CA ASP B 92 -29.81 -29.86 -20.70
C ASP B 92 -28.64 -29.74 -19.67
N TRP B 93 -28.91 -29.14 -18.51
CA TRP B 93 -27.90 -28.96 -17.46
C TRP B 93 -27.08 -30.23 -17.14
N GLU B 94 -27.72 -31.38 -17.26
CA GLU B 94 -27.07 -32.63 -16.91
C GLU B 94 -25.91 -32.99 -17.86
N THR B 95 -25.96 -32.52 -19.10
CA THR B 95 -24.84 -32.68 -20.01
C THR B 95 -24.01 -31.40 -20.14
N ALA B 96 -24.68 -30.25 -20.09
CA ALA B 96 -24.00 -28.96 -20.15
C ALA B 96 -22.91 -28.79 -19.09
N ILE B 97 -23.18 -29.25 -17.87
CA ILE B 97 -22.25 -29.09 -16.74
C ILE B 97 -20.97 -29.93 -16.96
N GLN B 98 -21.00 -30.83 -17.94
CA GLN B 98 -19.85 -31.67 -18.27
C GLN B 98 -18.88 -31.04 -19.27
N LYS B 99 -19.16 -29.80 -19.70
CA LYS B 99 -18.26 -29.10 -20.63
C LYS B 99 -17.04 -28.66 -19.83
N PRO B 100 -15.86 -29.03 -20.27
CA PRO B 100 -14.68 -28.68 -19.47
C PRO B 100 -14.54 -27.18 -19.31
N LEU B 101 -14.17 -26.76 -18.11
CA LEU B 101 -14.00 -25.38 -17.75
C LEU B 101 -12.56 -25.11 -17.32
N CYS B 102 -12.19 -23.85 -17.35
CA CYS B 102 -10.82 -23.44 -17.04
C CYS B 102 -10.87 -22.04 -16.45
N SER B 103 -10.07 -21.80 -15.42
CA SER B 103 -9.98 -20.47 -14.80
C SER B 103 -8.61 -19.85 -15.09
N LEU B 104 -8.60 -18.75 -15.82
CA LEU B 104 -7.38 -17.97 -16.00
C LEU B 104 -7.51 -16.71 -15.19
N PRO B 105 -6.58 -16.48 -14.25
CA PRO B 105 -6.70 -15.35 -13.34
C PRO B 105 -6.35 -13.99 -13.97
N ALA B 106 -7.22 -13.01 -13.74
CA ALA B 106 -6.96 -11.63 -14.13
C ALA B 106 -7.54 -10.75 -13.03
N GLY B 107 -6.74 -10.51 -12.00
CA GLY B 107 -7.11 -9.59 -10.92
C GLY B 107 -7.56 -10.32 -9.67
N SER B 108 -8.33 -9.63 -8.82
CA SER B 108 -8.75 -10.18 -7.52
C SER B 108 -9.81 -11.28 -7.63
N GLY B 109 -9.91 -12.10 -6.58
CA GLY B 109 -10.81 -13.25 -6.59
C GLY B 109 -10.26 -14.28 -7.56
N ASN B 110 -9.07 -14.78 -7.27
CA ASN B 110 -8.45 -15.86 -8.05
C ASN B 110 -8.15 -17.07 -7.15
N ALA B 111 -9.05 -17.34 -6.22
CA ALA B 111 -8.90 -18.44 -5.29
C ALA B 111 -8.89 -19.77 -6.02
N LEU B 112 -9.75 -19.91 -7.02
CA LEU B 112 -9.84 -21.18 -7.76
C LEU B 112 -8.57 -21.45 -8.52
N ALA B 113 -8.13 -20.44 -9.29
CA ALA B 113 -6.87 -20.52 -10.01
C ALA B 113 -5.68 -20.82 -9.07
N ALA B 114 -5.66 -20.18 -7.91
CA ALA B 114 -4.59 -20.40 -6.92
C ALA B 114 -4.59 -21.83 -6.40
N SER B 115 -5.80 -22.33 -6.11
CA SER B 115 -5.97 -23.70 -5.69
C SER B 115 -5.50 -24.64 -6.76
N LEU B 116 -5.93 -24.46 -8.02
CA LEU B 116 -5.49 -25.32 -9.11
C LEU B 116 -3.97 -25.28 -9.31
N ASN B 117 -3.38 -24.10 -9.22
CA ASN B 117 -1.93 -23.95 -9.31
C ASN B 117 -1.26 -24.77 -8.19
N HIS B 118 -1.86 -24.70 -7.03
CA HIS B 118 -1.65 -25.67 -5.96
C HIS B 118 -2.53 -26.86 -6.39
N TYR B 119 -2.01 -28.03 -6.32
CA TYR B 119 -2.61 -29.28 -6.80
C TYR B 119 -1.64 -29.65 -7.89
N ALA B 120 -1.31 -28.73 -8.81
CA ALA B 120 -0.36 -29.01 -9.92
C ALA B 120 1.06 -29.07 -9.44
N GLY B 121 1.32 -28.56 -8.25
CA GLY B 121 2.63 -28.68 -7.62
C GLY B 121 3.49 -27.43 -7.68
N TYR B 122 2.93 -26.33 -8.18
CA TYR B 122 3.67 -25.07 -8.28
C TYR B 122 3.71 -24.32 -6.98
N GLU B 123 4.63 -23.38 -6.88
CA GLU B 123 4.69 -22.52 -5.69
C GLU B 123 3.60 -21.47 -5.77
N GLN B 124 3.38 -20.80 -4.64
CA GLN B 124 2.22 -19.94 -4.46
C GLN B 124 2.43 -18.59 -5.14
N VAL B 125 2.33 -18.60 -6.46
CA VAL B 125 2.61 -17.43 -7.25
C VAL B 125 1.39 -16.56 -7.38
N THR B 126 1.62 -15.36 -7.89
CA THR B 126 0.64 -14.31 -7.89
C THR B 126 0.64 -13.60 -9.27
N ASN B 127 -0.42 -12.86 -9.56
CA ASN B 127 -0.45 -11.98 -10.74
C ASN B 127 -0.07 -12.71 -12.03
N GLU B 128 0.91 -12.19 -12.76
CA GLU B 128 1.20 -12.72 -14.08
C GLU B 128 1.78 -14.11 -14.02
N ASP B 129 2.50 -14.43 -12.94
CA ASP B 129 3.06 -15.77 -12.82
C ASP B 129 1.96 -16.82 -12.64
N LEU B 130 0.94 -16.50 -11.84
CA LEU B 130 -0.22 -17.36 -11.66
C LEU B 130 -0.96 -17.52 -13.00
N LEU B 131 -1.13 -16.42 -13.73
CA LEU B 131 -1.73 -16.48 -15.08
C LEU B 131 -1.01 -17.45 -16.01
N THR B 132 0.30 -17.29 -16.11
CA THR B 132 1.13 -18.16 -16.92
C THR B 132 1.01 -19.63 -16.52
N ASN B 133 1.13 -19.93 -15.24
CA ASN B 133 0.97 -21.29 -14.75
C ASN B 133 -0.42 -21.86 -15.10
N CYS B 134 -1.48 -21.08 -14.88
CA CYS B 134 -2.82 -21.60 -15.16
C CYS B 134 -2.98 -21.83 -16.65
N THR B 135 -2.31 -21.02 -17.45
CA THR B 135 -2.32 -21.19 -18.90
C THR B 135 -1.58 -22.43 -19.29
N LEU B 136 -0.44 -22.69 -18.63
CA LEU B 136 0.32 -23.90 -18.91
C LEU B 136 -0.52 -25.16 -18.63
N LEU B 137 -1.34 -25.13 -17.59
CA LEU B 137 -2.23 -26.24 -17.30
C LEU B 137 -3.27 -26.44 -18.41
N LEU B 138 -3.87 -25.36 -18.88
CA LEU B 138 -4.74 -25.45 -20.07
C LEU B 138 -4.03 -26.10 -21.25
N CYS B 139 -2.82 -25.66 -21.51
CA CYS B 139 -2.06 -26.15 -22.65
C CYS B 139 -1.70 -27.64 -22.53
N ARG B 140 -1.60 -28.15 -21.31
CA ARG B 140 -1.37 -29.57 -21.09
C ARG B 140 -2.62 -30.42 -21.25
N ARG B 141 -3.78 -29.77 -21.32
CA ARG B 141 -5.04 -30.41 -21.73
C ARG B 141 -5.64 -31.43 -20.77
N LEU B 142 -5.07 -31.60 -19.58
CA LEU B 142 -5.57 -32.65 -18.68
C LEU B 142 -6.73 -32.15 -17.85
N LEU B 143 -7.74 -32.97 -17.68
CA LEU B 143 -8.95 -32.58 -16.94
C LEU B 143 -9.02 -33.29 -15.62
N SER B 144 -9.63 -32.62 -14.65
CA SER B 144 -9.75 -33.13 -13.31
C SER B 144 -11.15 -32.80 -12.82
N PRO B 145 -11.84 -33.76 -12.18
CA PRO B 145 -13.18 -33.41 -11.70
C PRO B 145 -13.18 -32.54 -10.43
N MET B 146 -14.19 -31.69 -10.31
CA MET B 146 -14.31 -30.80 -9.18
C MET B 146 -15.67 -30.97 -8.50
N ASN B 147 -15.70 -30.67 -7.20
CA ASN B 147 -16.93 -30.77 -6.43
C ASN B 147 -17.78 -29.53 -6.67
N LEU B 148 -19.07 -29.64 -6.42
CA LEU B 148 -19.99 -28.52 -6.63
C LEU B 148 -20.95 -28.41 -5.46
N LEU B 149 -21.11 -27.20 -4.93
CA LEU B 149 -21.90 -26.97 -3.73
C LEU B 149 -23.28 -26.54 -4.18
N SER B 150 -24.31 -27.28 -3.77
CA SER B 150 -25.69 -26.93 -4.13
C SER B 150 -26.32 -26.25 -2.92
N LEU B 151 -26.74 -25.00 -3.08
CA LEU B 151 -27.25 -24.19 -1.99
C LEU B 151 -28.75 -23.92 -2.13
N HIS B 152 -29.41 -23.83 -0.98
CA HIS B 152 -30.82 -23.46 -0.89
C HIS B 152 -30.98 -22.36 0.15
N THR B 153 -31.74 -21.31 -0.20
CA THR B 153 -32.08 -20.22 0.72
C THR B 153 -33.55 -20.29 1.19
N ALA B 154 -33.87 -19.49 2.21
CA ALA B 154 -35.22 -19.45 2.79
C ALA B 154 -36.25 -18.93 1.79
N SER B 155 -35.85 -17.96 0.97
CA SER B 155 -36.70 -17.44 -0.11
C SER B 155 -36.90 -18.44 -1.25
N GLY B 156 -36.42 -19.67 -1.11
CA GLY B 156 -36.60 -20.71 -2.13
C GLY B 156 -35.59 -20.67 -3.28
N LEU B 157 -34.73 -19.66 -3.32
CA LEU B 157 -33.70 -19.63 -4.36
C LEU B 157 -32.74 -20.81 -4.19
N ARG B 158 -32.43 -21.42 -5.33
CA ARG B 158 -31.48 -22.51 -5.42
C ARG B 158 -30.31 -22.01 -6.26
N LEU B 159 -29.07 -22.17 -5.75
CA LEU B 159 -27.89 -21.78 -6.51
C LEU B 159 -26.65 -22.63 -6.17
N PHE B 160 -25.62 -22.48 -6.98
CA PHE B 160 -24.49 -23.40 -7.00
C PHE B 160 -23.20 -22.62 -6.75
N SER B 161 -22.32 -23.22 -5.97
CA SER B 161 -21.09 -22.57 -5.55
C SER B 161 -19.94 -23.47 -5.93
N VAL B 162 -18.91 -22.88 -6.54
CA VAL B 162 -17.69 -23.59 -6.92
C VAL B 162 -16.53 -23.46 -5.93
N LEU B 163 -16.61 -22.47 -5.04
CA LEU B 163 -15.50 -22.15 -4.17
C LEU B 163 -15.89 -22.05 -2.70
N SER B 164 -16.84 -21.18 -2.38
CA SER B 164 -17.06 -20.80 -0.99
C SER B 164 -18.43 -20.22 -0.66
N LEU B 165 -18.89 -20.54 0.53
CA LEU B 165 -19.92 -19.77 1.22
C LEU B 165 -19.35 -19.23 2.52
N ALA B 166 -19.36 -17.91 2.66
CA ALA B 166 -18.86 -17.25 3.87
C ALA B 166 -19.95 -16.41 4.55
N TRP B 167 -19.85 -16.30 5.87
CA TRP B 167 -20.75 -15.47 6.65
C TRP B 167 -19.96 -14.93 7.82
N GLY B 168 -20.32 -13.72 8.26
CA GLY B 168 -19.61 -13.06 9.34
C GLY B 168 -18.46 -12.24 8.81
N PHE B 169 -17.35 -12.30 9.53
CA PHE B 169 -16.13 -11.54 9.20
C PHE B 169 -15.79 -11.51 7.71
N ILE B 170 -15.69 -12.68 7.09
CA ILE B 170 -15.26 -12.76 5.69
C ILE B 170 -16.28 -12.10 4.75
N ALA B 171 -17.56 -12.37 4.95
CA ALA B 171 -18.59 -11.74 4.11
C ALA B 171 -18.59 -10.22 4.29
N ASP B 172 -18.43 -9.78 5.54
CA ASP B 172 -18.32 -8.35 5.85
C ASP B 172 -17.12 -7.70 5.18
N VAL B 173 -16.01 -8.42 5.11
CA VAL B 173 -14.81 -7.88 4.44
C VAL B 173 -15.08 -7.73 2.94
N ASP B 174 -15.78 -8.69 2.34
CA ASP B 174 -16.19 -8.55 0.94
C ASP B 174 -17.14 -7.37 0.76
N LEU B 175 -18.12 -7.26 1.66
CA LEU B 175 -19.02 -6.11 1.70
C LEU B 175 -18.23 -4.79 1.75
N GLU B 176 -17.34 -4.67 2.73
CA GLU B 176 -16.55 -3.45 2.91
C GLU B 176 -15.54 -3.18 1.79
N SER B 177 -15.10 -4.24 1.12
CA SER B 177 -14.10 -4.15 0.05
C SER B 177 -14.56 -3.34 -1.17
N GLU B 178 -15.87 -3.31 -1.42
CA GLU B 178 -16.42 -2.58 -2.57
C GLU B 178 -16.03 -1.10 -2.58
N LYS B 179 -15.85 -0.52 -1.39
CA LYS B 179 -15.56 0.92 -1.24
C LYS B 179 -14.23 1.36 -1.88
N TYR B 180 -13.25 0.46 -1.95
CA TYR B 180 -11.92 0.80 -2.47
C TYR B 180 -11.60 0.09 -3.80
N ARG B 181 -12.62 -0.13 -4.62
CA ARG B 181 -12.45 -0.87 -5.88
C ARG B 181 -11.56 -0.09 -6.86
N GLY B 184 -7.70 -0.70 -5.80
CA GLY B 184 -8.00 -2.03 -6.31
C GLY B 184 -7.08 -3.13 -5.81
N GLU B 185 -7.58 -4.36 -5.85
CA GLU B 185 -6.81 -5.59 -5.57
C GLU B 185 -6.41 -5.80 -4.10
N MET B 186 -5.75 -4.80 -3.50
CA MET B 186 -5.32 -4.86 -2.10
C MET B 186 -6.47 -4.46 -1.14
N ARG B 187 -7.64 -4.14 -1.71
CA ARG B 187 -8.81 -3.66 -0.95
C ARG B 187 -9.29 -4.66 0.11
N PHE B 188 -9.08 -5.95 -0.15
CA PHE B 188 -9.48 -7.02 0.77
C PHE B 188 -8.55 -7.10 2.00
N THR B 189 -7.27 -6.80 1.80
CA THR B 189 -6.31 -6.78 2.91
C THR B 189 -6.58 -5.60 3.84
N LEU B 190 -6.95 -4.47 3.25
CA LEU B 190 -7.34 -3.30 4.02
C LEU B 190 -8.62 -3.55 4.81
N GLY B 191 -9.61 -4.19 4.16
CA GLY B 191 -10.91 -4.45 4.77
C GLY B 191 -10.83 -5.48 5.86
N THR B 192 -9.84 -6.36 5.76
CA THR B 192 -9.53 -7.33 6.79
C THR B 192 -9.02 -6.64 8.05
N PHE B 193 -8.04 -5.76 7.88
CA PHE B 193 -7.44 -5.05 8.99
C PHE B 193 -8.46 -4.13 9.68
N LEU B 194 -9.21 -3.37 8.89
CA LEU B 194 -10.37 -2.62 9.40
C LEU B 194 -11.30 -3.48 10.25
N ARG B 195 -11.77 -4.59 9.71
CA ARG B 195 -12.72 -5.42 10.42
C ARG B 195 -12.05 -6.13 11.61
N LEU B 196 -10.76 -6.42 11.45
CA LEU B 196 -9.97 -6.91 12.58
C LEU B 196 -10.05 -5.88 13.72
N ALA B 197 -9.75 -4.62 13.38
CA ALA B 197 -9.70 -3.52 14.35
C ALA B 197 -10.97 -3.42 15.18
N ALA B 198 -12.12 -3.45 14.52
CA ALA B 198 -13.40 -3.42 15.19
C ALA B 198 -14.09 -4.77 15.06
N LEU B 199 -13.57 -5.77 15.76
CA LEU B 199 -14.10 -7.13 15.69
C LEU B 199 -15.58 -7.21 16.03
N ARG B 200 -16.38 -7.58 15.03
CA ARG B 200 -17.78 -7.89 15.25
C ARG B 200 -17.92 -9.37 15.54
N THR B 201 -18.99 -9.74 16.25
CA THR B 201 -19.47 -11.12 16.27
C THR B 201 -20.91 -11.10 15.77
N TYR B 202 -21.40 -12.25 15.33
CA TYR B 202 -22.74 -12.34 14.75
C TYR B 202 -23.46 -13.53 15.34
N ARG B 203 -24.76 -13.41 15.48
CA ARG B 203 -25.61 -14.41 16.10
C ARG B 203 -26.17 -15.33 15.03
N GLY B 204 -26.14 -16.62 15.27
CA GLY B 204 -26.72 -17.57 14.32
C GLY B 204 -26.56 -19.01 14.75
N ARG B 205 -27.25 -19.91 14.04
CA ARG B 205 -27.25 -21.35 14.36
C ARG B 205 -26.63 -22.15 13.20
N LEU B 206 -25.64 -22.98 13.53
CA LEU B 206 -24.91 -23.76 12.54
C LEU B 206 -25.04 -25.25 12.83
N ALA B 207 -25.41 -26.02 11.80
CA ALA B 207 -25.45 -27.48 11.89
C ALA B 207 -24.80 -28.09 10.66
N TYR B 208 -24.21 -29.26 10.81
CA TYR B 208 -23.58 -29.91 9.67
C TYR B 208 -23.68 -31.42 9.70
N LEU B 209 -23.46 -32.00 8.53
CA LEU B 209 -23.43 -33.44 8.38
C LEU B 209 -21.97 -33.78 8.15
N PRO B 210 -21.32 -34.34 9.17
CA PRO B 210 -19.91 -34.70 8.98
C PRO B 210 -19.77 -35.89 8.06
N VAL B 211 -18.56 -36.05 7.54
CA VAL B 211 -18.28 -37.04 6.50
C VAL B 211 -18.54 -38.48 6.91
N GLY B 212 -18.17 -38.84 8.14
CA GLY B 212 -18.34 -40.24 8.57
C GLY B 212 -19.80 -40.71 8.67
N ARG B 213 -20.71 -39.77 8.87
CA ARG B 213 -22.09 -40.12 9.17
C ARG B 213 -22.96 -40.23 7.93
N VAL B 214 -22.36 -40.37 6.75
CA VAL B 214 -23.12 -40.58 5.51
C VAL B 214 -23.31 -42.07 5.24
N GLN B 227 -35.52 -29.32 -11.54
CA GLN B 227 -34.25 -29.62 -12.20
C GLN B 227 -33.09 -29.55 -11.21
N GLY B 228 -31.86 -29.64 -11.72
CA GLY B 228 -30.67 -29.77 -10.88
C GLY B 228 -30.67 -31.15 -10.23
N PRO B 229 -29.60 -31.46 -9.49
CA PRO B 229 -29.55 -32.75 -8.79
C PRO B 229 -30.44 -32.79 -7.55
N VAL B 230 -30.72 -33.99 -7.05
CA VAL B 230 -31.46 -34.11 -5.81
C VAL B 230 -30.50 -34.00 -4.63
N ASP B 231 -30.82 -33.13 -3.69
CA ASP B 231 -30.04 -32.95 -2.49
C ASP B 231 -30.61 -33.87 -1.40
N ALA B 232 -30.30 -35.16 -1.54
CA ALA B 232 -30.83 -36.21 -0.67
C ALA B 232 -30.50 -36.07 0.82
N HIS B 233 -29.51 -35.25 1.18
CA HIS B 233 -29.16 -35.07 2.60
C HIS B 233 -29.93 -33.92 3.25
N LEU B 234 -30.51 -33.05 2.43
CA LEU B 234 -31.19 -31.87 2.93
C LEU B 234 -32.68 -32.16 3.18
N VAL B 235 -33.18 -31.68 4.31
CA VAL B 235 -34.61 -31.58 4.58
C VAL B 235 -34.96 -30.09 4.56
N PRO B 236 -36.20 -29.72 4.20
CA PRO B 236 -36.57 -28.31 4.07
C PRO B 236 -36.19 -27.43 5.27
N LEU B 237 -35.87 -26.16 5.01
CA LEU B 237 -35.42 -25.23 6.05
C LEU B 237 -36.37 -25.10 7.25
N GLU B 238 -37.63 -25.51 7.08
CA GLU B 238 -38.65 -25.40 8.14
C GLU B 238 -38.77 -26.67 8.96
N GLU B 239 -37.79 -27.56 8.86
CA GLU B 239 -37.79 -28.81 9.63
C GLU B 239 -36.44 -28.99 10.30
N PRO B 240 -36.42 -29.62 11.49
CA PRO B 240 -35.15 -29.75 12.18
C PRO B 240 -34.24 -30.68 11.40
N VAL B 241 -32.93 -30.47 11.55
CA VAL B 241 -31.95 -31.30 10.87
C VAL B 241 -31.99 -32.72 11.42
N PRO B 242 -31.81 -33.71 10.53
CA PRO B 242 -31.74 -35.10 10.95
C PRO B 242 -30.85 -35.36 12.16
N SER B 243 -31.21 -36.38 12.93
CA SER B 243 -30.60 -36.64 14.23
C SER B 243 -29.12 -36.98 14.15
N HIS B 244 -28.72 -37.56 13.01
CA HIS B 244 -27.33 -37.89 12.76
C HIS B 244 -26.44 -36.67 12.40
N TRP B 245 -27.04 -35.50 12.17
CA TRP B 245 -26.26 -34.27 11.97
C TRP B 245 -25.64 -33.83 13.30
N THR B 246 -24.65 -32.95 13.21
CA THR B 246 -24.09 -32.30 14.38
C THR B 246 -24.62 -30.87 14.42
N VAL B 247 -25.27 -30.48 15.52
CA VAL B 247 -25.67 -29.10 15.72
C VAL B 247 -24.64 -28.45 16.61
N VAL B 248 -24.06 -27.34 16.16
CA VAL B 248 -22.99 -26.68 16.92
C VAL B 248 -23.57 -26.00 18.17
N PRO B 249 -23.00 -26.29 19.37
CA PRO B 249 -23.59 -25.77 20.60
C PRO B 249 -23.71 -24.24 20.61
N ASP B 250 -22.58 -23.53 20.61
CA ASP B 250 -22.61 -22.06 20.69
C ASP B 250 -23.29 -21.46 19.48
N GLU B 251 -23.72 -20.21 19.63
CA GLU B 251 -24.47 -19.53 18.59
C GLU B 251 -24.07 -18.05 18.44
N ASP B 252 -22.82 -17.74 18.75
CA ASP B 252 -22.24 -16.44 18.44
C ASP B 252 -20.89 -16.68 17.77
N PHE B 253 -20.72 -16.12 16.57
CA PHE B 253 -19.59 -16.43 15.71
C PHE B 253 -18.91 -15.18 15.19
N VAL B 254 -17.62 -15.26 14.97
CA VAL B 254 -16.95 -14.21 14.18
C VAL B 254 -17.02 -14.55 12.68
N LEU B 255 -16.94 -15.84 12.33
CA LEU B 255 -17.14 -16.26 10.94
C LEU B 255 -17.54 -17.71 10.78
N VAL B 256 -18.17 -18.00 9.64
CA VAL B 256 -18.41 -19.38 9.21
C VAL B 256 -17.96 -19.44 7.75
N LEU B 257 -17.18 -20.45 7.40
CA LEU B 257 -16.64 -20.60 6.06
C LEU B 257 -16.72 -22.04 5.59
N ALA B 258 -17.52 -22.26 4.55
CA ALA B 258 -17.53 -23.50 3.80
C ALA B 258 -16.68 -23.27 2.57
N LEU B 259 -15.65 -24.10 2.40
CA LEU B 259 -14.62 -23.90 1.40
C LEU B 259 -14.36 -25.19 0.64
N LEU B 260 -14.46 -25.14 -0.69
CA LEU B 260 -14.35 -26.35 -1.50
C LEU B 260 -12.91 -26.58 -1.99
N HIS B 261 -12.03 -25.62 -1.75
CA HIS B 261 -10.66 -25.71 -2.27
C HIS B 261 -9.62 -25.37 -1.20
N SER B 262 -8.36 -25.46 -1.59
CA SER B 262 -7.24 -25.19 -0.69
C SER B 262 -7.08 -23.69 -0.39
N HIS B 263 -7.32 -22.86 -1.40
CA HIS B 263 -7.05 -21.44 -1.29
C HIS B 263 -8.30 -20.56 -1.27
N LEU B 264 -8.24 -19.53 -0.43
CA LEU B 264 -9.29 -18.50 -0.41
C LEU B 264 -8.91 -17.31 -1.28
N GLY B 265 -7.65 -17.26 -1.69
CA GLY B 265 -7.13 -16.23 -2.57
C GLY B 265 -5.72 -16.65 -2.89
N SER B 266 -5.06 -15.98 -3.82
CA SER B 266 -3.72 -16.40 -4.26
C SER B 266 -2.66 -16.34 -3.17
N GLU B 267 -2.89 -15.55 -2.14
CA GLU B 267 -2.01 -15.46 -0.98
C GLU B 267 -2.68 -15.91 0.30
N MET B 268 -3.74 -16.71 0.19
CA MET B 268 -4.46 -17.21 1.38
C MET B 268 -4.68 -18.71 1.30
N PHE B 269 -3.71 -19.43 1.82
CA PHE B 269 -3.71 -20.88 1.85
C PHE B 269 -4.54 -21.35 3.04
N ALA B 270 -5.85 -21.27 2.86
CA ALA B 270 -6.82 -21.42 3.95
C ALA B 270 -7.02 -22.83 4.45
N ALA B 271 -6.85 -23.83 3.58
CA ALA B 271 -7.05 -25.23 3.96
C ALA B 271 -5.77 -25.99 3.72
N PRO B 272 -4.87 -26.03 4.73
CA PRO B 272 -3.57 -26.68 4.61
C PRO B 272 -3.69 -28.17 4.37
N MET B 273 -4.83 -28.76 4.70
CA MET B 273 -5.06 -30.16 4.37
C MET B 273 -5.17 -30.34 2.86
N GLY B 274 -5.35 -29.24 2.14
CA GLY B 274 -5.23 -29.23 0.69
C GLY B 274 -6.55 -29.56 0.00
N ARG B 275 -6.43 -30.14 -1.19
CA ARG B 275 -7.56 -30.52 -2.02
C ARG B 275 -8.59 -31.42 -1.32
N CYS B 276 -9.86 -31.06 -1.44
CA CYS B 276 -10.94 -31.84 -0.86
C CYS B 276 -11.09 -33.16 -1.58
N ALA B 277 -11.41 -34.20 -0.83
CA ALA B 277 -11.83 -35.47 -1.41
C ALA B 277 -13.13 -35.28 -2.18
N ALA B 278 -13.45 -36.22 -3.04
CA ALA B 278 -14.70 -36.20 -3.79
C ALA B 278 -15.90 -36.13 -2.83
N GLY B 279 -16.74 -35.14 -3.04
CA GLY B 279 -17.97 -34.98 -2.28
C GLY B 279 -17.82 -34.47 -0.85
N VAL B 280 -16.67 -33.89 -0.56
CA VAL B 280 -16.41 -33.32 0.74
C VAL B 280 -16.06 -31.87 0.55
N MET B 281 -16.40 -31.05 1.55
CA MET B 281 -15.89 -29.70 1.61
C MET B 281 -15.40 -29.35 3.02
N HIS B 282 -14.55 -28.35 3.09
CA HIS B 282 -13.98 -27.89 4.35
C HIS B 282 -14.96 -26.93 5.01
N LEU B 283 -15.24 -27.13 6.30
CA LEU B 283 -16.02 -26.18 7.07
C LEU B 283 -15.15 -25.61 8.17
N PHE B 284 -15.03 -24.29 8.19
CA PHE B 284 -14.36 -23.60 9.28
C PHE B 284 -15.35 -22.70 10.01
N TYR B 285 -15.20 -22.61 11.33
CA TYR B 285 -15.85 -21.54 12.06
C TYR B 285 -14.97 -21.02 13.21
N VAL B 286 -15.11 -19.72 13.48
CA VAL B 286 -14.46 -19.10 14.62
C VAL B 286 -15.53 -18.70 15.62
N ARG B 287 -15.43 -19.26 16.82
CA ARG B 287 -16.38 -18.99 17.90
C ARG B 287 -16.07 -17.63 18.51
N ALA B 288 -17.08 -17.00 19.10
CA ALA B 288 -16.90 -15.72 19.80
C ALA B 288 -15.95 -15.88 20.98
N GLY B 289 -15.16 -14.85 21.24
CA GLY B 289 -14.23 -14.85 22.37
C GLY B 289 -12.77 -14.74 21.99
N VAL B 290 -12.44 -14.92 20.71
CA VAL B 290 -11.06 -14.72 20.25
C VAL B 290 -10.65 -13.28 20.39
N SER B 291 -9.40 -13.07 20.76
CA SER B 291 -8.83 -11.74 20.79
C SER B 291 -8.51 -11.31 19.36
N ARG B 292 -8.48 -10.00 19.14
CA ARG B 292 -8.07 -9.43 17.86
C ARG B 292 -6.60 -9.75 17.58
N ALA B 293 -5.78 -9.77 18.63
CA ALA B 293 -4.38 -10.17 18.51
C ALA B 293 -4.25 -11.56 17.87
N MET B 294 -5.02 -12.52 18.37
CA MET B 294 -4.91 -13.91 17.90
C MET B 294 -5.43 -14.03 16.48
N LEU B 295 -6.60 -13.45 16.23
CA LEU B 295 -7.16 -13.36 14.88
C LEU B 295 -6.16 -12.80 13.89
N LEU B 296 -5.46 -11.74 14.28
CA LEU B 296 -4.46 -11.15 13.38
C LEU B 296 -3.34 -12.14 13.09
N ARG B 297 -2.89 -12.87 14.11
CA ARG B 297 -1.82 -13.84 13.89
C ARG B 297 -2.29 -14.95 12.94
N LEU B 298 -3.51 -15.42 13.13
CA LEU B 298 -4.11 -16.47 12.28
C LEU B 298 -4.15 -15.97 10.84
N PHE B 299 -4.68 -14.76 10.67
CA PHE B 299 -4.76 -14.16 9.36
C PHE B 299 -3.40 -14.12 8.65
N LEU B 300 -2.37 -13.62 9.34
CA LEU B 300 -1.02 -13.51 8.74
C LEU B 300 -0.41 -14.88 8.47
N ALA B 301 -0.69 -15.85 9.34
CA ALA B 301 -0.22 -17.23 9.15
C ALA B 301 -0.89 -17.91 7.95
N MET B 302 -2.07 -17.45 7.57
CA MET B 302 -2.81 -18.00 6.42
C MET B 302 -2.06 -17.95 5.10
N GLU B 303 -1.20 -16.94 4.93
CA GLU B 303 -0.42 -16.85 3.71
C GLU B 303 0.40 -18.11 3.43
N LYS B 304 1.02 -18.67 4.47
CA LYS B 304 1.83 -19.87 4.32
C LYS B 304 1.06 -21.11 4.76
N GLY B 305 -0.20 -20.90 5.14
CA GLY B 305 -1.09 -21.96 5.56
C GLY B 305 -0.70 -22.55 6.88
N ARG B 306 -0.26 -21.70 7.83
CA ARG B 306 0.22 -22.14 9.15
C ARG B 306 -0.73 -21.81 10.31
N HIS B 307 -1.86 -21.23 9.97
CA HIS B 307 -2.84 -20.81 10.95
C HIS B 307 -3.46 -21.93 11.80
N MET B 308 -3.48 -23.17 11.29
CA MET B 308 -4.04 -24.28 12.07
C MET B 308 -3.00 -24.82 13.05
N GLU B 309 -1.76 -24.36 12.95
CA GLU B 309 -0.68 -24.81 13.83
C GLU B 309 -0.70 -24.06 15.17
N TYR B 310 -1.55 -23.03 15.28
CA TYR B 310 -1.75 -22.31 16.54
C TYR B 310 -2.76 -22.99 17.41
N GLU B 311 -2.49 -23.03 18.71
CA GLU B 311 -3.46 -23.53 19.65
C GLU B 311 -4.52 -22.48 19.84
N CYS B 312 -5.71 -22.72 19.31
CA CYS B 312 -6.80 -21.75 19.37
C CYS B 312 -8.14 -22.47 19.33
N PRO B 313 -8.76 -22.65 20.51
CA PRO B 313 -10.03 -23.38 20.63
C PRO B 313 -11.19 -22.65 19.98
N TYR B 314 -11.00 -21.39 19.65
CA TYR B 314 -12.00 -20.62 18.93
C TYR B 314 -12.08 -21.00 17.43
N LEU B 315 -10.98 -21.46 16.85
CA LEU B 315 -10.99 -21.90 15.44
C LEU B 315 -11.29 -23.39 15.37
N VAL B 316 -12.38 -23.73 14.69
CA VAL B 316 -12.78 -25.13 14.51
C VAL B 316 -12.79 -25.52 13.02
N TYR B 317 -12.22 -26.69 12.71
CA TYR B 317 -12.25 -27.24 11.36
C TYR B 317 -12.96 -28.59 11.38
N VAL B 318 -13.87 -28.80 10.43
CA VAL B 318 -14.52 -30.09 10.25
C VAL B 318 -14.76 -30.33 8.75
N PRO B 319 -14.44 -31.54 8.24
CA PRO B 319 -14.89 -31.85 6.87
C PRO B 319 -16.35 -32.30 6.88
N VAL B 320 -17.13 -31.76 5.95
CA VAL B 320 -18.56 -32.06 5.86
C VAL B 320 -19.03 -32.33 4.44
N VAL B 321 -20.23 -32.90 4.34
CA VAL B 321 -20.90 -33.09 3.07
C VAL B 321 -22.12 -32.20 2.95
N ALA B 322 -22.53 -31.60 4.07
CA ALA B 322 -23.70 -30.73 4.08
C ALA B 322 -23.71 -29.87 5.35
N PHE B 323 -24.40 -28.74 5.29
CA PHE B 323 -24.55 -27.85 6.44
C PHE B 323 -25.84 -27.05 6.35
N ARG B 324 -26.19 -26.42 7.48
CA ARG B 324 -27.26 -25.45 7.53
C ARG B 324 -26.81 -24.28 8.40
N LEU B 325 -27.04 -23.07 7.92
CA LEU B 325 -26.69 -21.86 8.65
C LEU B 325 -27.87 -20.90 8.74
N GLU B 326 -28.25 -20.54 9.97
CA GLU B 326 -29.40 -19.65 10.25
C GLU B 326 -28.99 -18.44 11.08
N PRO B 327 -28.84 -17.26 10.45
CA PRO B 327 -28.54 -16.04 11.21
C PRO B 327 -29.77 -15.50 11.95
N LYS B 328 -29.61 -15.12 13.23
CA LYS B 328 -30.71 -14.62 14.05
C LYS B 328 -30.57 -13.13 14.34
N GLY B 332 -29.22 -12.74 6.84
CA GLY B 332 -27.77 -12.57 6.91
C GLY B 332 -27.15 -12.14 5.60
N VAL B 333 -26.02 -11.44 5.71
CA VAL B 333 -25.19 -11.07 4.57
C VAL B 333 -24.18 -12.18 4.28
N PHE B 334 -24.28 -12.76 3.08
CA PHE B 334 -23.43 -13.87 2.66
C PHE B 334 -22.53 -13.52 1.50
N ALA B 335 -21.38 -14.19 1.42
CA ALA B 335 -20.56 -14.19 0.23
C ALA B 335 -20.48 -15.61 -0.33
N VAL B 336 -20.94 -15.78 -1.57
CA VAL B 336 -20.87 -17.02 -2.30
C VAL B 336 -19.93 -16.83 -3.48
N ASP B 337 -18.79 -17.50 -3.43
CA ASP B 337 -17.75 -17.38 -4.45
C ASP B 337 -17.37 -15.91 -4.58
N GLY B 338 -17.38 -15.21 -3.45
CA GLY B 338 -17.03 -13.78 -3.41
C GLY B 338 -18.16 -12.82 -3.75
N GLU B 339 -19.28 -13.33 -4.23
CA GLU B 339 -20.41 -12.49 -4.67
C GLU B 339 -21.38 -12.31 -3.51
N LEU B 340 -21.78 -11.07 -3.24
CA LEU B 340 -22.60 -10.78 -2.07
C LEU B 340 -24.04 -11.25 -2.29
N MET B 341 -24.70 -11.58 -1.19
CA MET B 341 -26.04 -12.14 -1.21
C MET B 341 -26.64 -11.96 0.18
N VAL B 342 -27.95 -11.74 0.25
CA VAL B 342 -28.59 -11.53 1.54
C VAL B 342 -29.71 -12.56 1.73
N SER B 343 -29.67 -13.32 2.82
CA SER B 343 -30.77 -14.21 3.18
C SER B 343 -30.75 -14.55 4.65
N GLU B 344 -31.85 -15.09 5.17
CA GLU B 344 -31.99 -15.34 6.60
C GLU B 344 -31.92 -16.82 6.97
N ALA B 345 -31.66 -17.68 5.99
CA ALA B 345 -31.33 -19.07 6.24
C ALA B 345 -30.69 -19.65 4.98
N VAL B 346 -29.74 -20.56 5.17
CA VAL B 346 -29.05 -21.22 4.05
C VAL B 346 -28.67 -22.65 4.41
N GLN B 347 -28.81 -23.56 3.46
CA GLN B 347 -28.24 -24.88 3.62
C GLN B 347 -27.69 -25.37 2.28
N GLY B 348 -26.82 -26.35 2.35
CA GLY B 348 -26.21 -26.88 1.16
C GLY B 348 -25.62 -28.25 1.28
N GLN B 349 -25.37 -28.84 0.12
CA GLN B 349 -24.83 -30.15 0.06
C GLN B 349 -23.82 -30.17 -1.06
N VAL B 350 -22.69 -30.81 -0.82
CA VAL B 350 -21.65 -30.95 -1.83
C VAL B 350 -22.01 -32.10 -2.72
N HIS B 351 -21.84 -31.93 -4.03
CA HIS B 351 -22.00 -33.02 -4.96
C HIS B 351 -20.63 -33.36 -5.48
N PRO B 352 -20.29 -34.65 -5.48
CA PRO B 352 -18.95 -35.02 -5.86
C PRO B 352 -18.69 -34.89 -7.35
N ASN B 353 -17.49 -34.48 -7.70
CA ASN B 353 -16.96 -34.59 -9.05
C ASN B 353 -18.01 -34.26 -10.10
N TYR B 354 -18.52 -33.04 -10.02
CA TYR B 354 -19.71 -32.69 -10.75
C TYR B 354 -19.41 -31.96 -12.05
N PHE B 355 -18.27 -31.27 -12.11
CA PHE B 355 -17.79 -30.72 -13.35
C PHE B 355 -16.29 -31.00 -13.54
N TRP B 356 -15.83 -30.78 -14.77
CA TRP B 356 -14.42 -30.97 -15.17
C TRP B 356 -13.71 -29.60 -15.25
N MET B 357 -12.48 -29.53 -14.77
CA MET B 357 -11.63 -28.38 -14.98
C MET B 357 -10.35 -28.81 -15.62
N VAL B 358 -9.71 -27.98 -16.44
CA VAL B 358 -8.35 -28.30 -16.81
C VAL B 358 -7.51 -28.05 -15.57
N SER B 359 -6.59 -28.93 -15.29
CA SER B 359 -5.72 -28.73 -14.14
C SER B 359 -4.62 -29.77 -14.13
N MET C 2 -21.42 43.58 -4.42
CA MET C 2 -21.03 42.17 -4.76
C MET C 2 -21.86 41.57 -5.91
N GLY C 3 -23.10 42.03 -6.09
CA GLY C 3 -23.86 41.73 -7.31
C GLY C 3 -24.64 40.42 -7.37
N SER C 4 -24.94 40.01 -8.60
CA SER C 4 -25.82 38.89 -8.89
C SER C 4 -25.10 37.52 -8.94
N GLY C 5 -25.87 36.43 -8.83
CA GLY C 5 -25.28 35.10 -8.72
C GLY C 5 -25.29 34.26 -9.99
N VAL C 6 -25.02 34.87 -11.14
CA VAL C 6 -25.13 34.17 -12.42
C VAL C 6 -24.04 34.55 -13.45
N LEU C 7 -23.64 33.58 -14.28
CA LEU C 7 -22.70 33.82 -15.39
C LEU C 7 -23.46 34.13 -16.70
N PRO C 8 -22.84 34.94 -17.58
CA PRO C 8 -23.48 35.21 -18.86
C PRO C 8 -23.61 33.95 -19.73
N ARG C 9 -24.55 33.98 -20.69
CA ARG C 9 -24.60 32.98 -21.76
C ARG C 9 -24.61 33.73 -23.10
N PRO C 10 -23.67 33.38 -24.00
CA PRO C 10 -22.60 32.42 -23.72
C PRO C 10 -21.59 33.08 -22.78
N CYS C 11 -20.57 32.34 -22.38
CA CYS C 11 -19.48 32.93 -21.62
C CYS C 11 -18.16 32.27 -21.99
N ARG C 12 -17.09 32.83 -21.44
CA ARG C 12 -15.75 32.36 -21.67
C ARG C 12 -15.03 32.20 -20.32
N VAL C 13 -14.28 31.13 -20.21
CA VAL C 13 -13.80 30.62 -18.95
C VAL C 13 -12.31 30.25 -19.06
N LEU C 14 -11.51 30.60 -18.05
CA LEU C 14 -10.12 30.14 -17.99
C LEU C 14 -10.07 28.89 -17.14
N VAL C 15 -9.47 27.82 -17.67
CA VAL C 15 -9.38 26.57 -16.93
C VAL C 15 -7.96 26.31 -16.52
N LEU C 16 -7.73 26.37 -15.22
CA LEU C 16 -6.43 26.11 -14.64
C LEU C 16 -6.40 24.67 -14.20
N LEU C 17 -5.58 23.86 -14.89
CA LEU C 17 -5.61 22.43 -14.71
C LEU C 17 -4.27 21.91 -14.31
N ASN C 18 -4.25 21.11 -13.23
CA ASN C 18 -3.07 20.38 -12.86
C ASN C 18 -3.04 18.99 -13.55
N PRO C 19 -2.18 18.79 -14.58
CA PRO C 19 -2.11 17.51 -15.32
C PRO C 19 -1.70 16.29 -14.49
N ARG C 20 -0.98 16.53 -13.40
CA ARG C 20 -0.63 15.45 -12.47
C ARG C 20 -1.83 14.99 -11.63
N GLY C 21 -2.89 15.80 -11.56
CA GLY C 21 -4.14 15.38 -10.91
C GLY C 21 -4.67 14.03 -11.36
N GLY C 22 -5.13 13.24 -10.39
CA GLY C 22 -5.74 11.92 -10.64
C GLY C 22 -4.76 10.95 -11.28
N LYS C 23 -3.58 10.83 -10.68
CA LYS C 23 -2.48 10.01 -11.21
C LYS C 23 -2.20 10.30 -12.70
N GLY C 24 -2.13 11.58 -13.06
CA GLY C 24 -1.81 11.98 -14.43
C GLY C 24 -2.98 11.97 -15.42
N LYS C 25 -4.22 11.92 -14.93
CA LYS C 25 -5.38 11.73 -15.82
C LYS C 25 -6.28 12.96 -15.95
N ALA C 26 -5.93 14.04 -15.24
CA ALA C 26 -6.81 15.21 -15.13
C ALA C 26 -7.17 15.76 -16.50
N LEU C 27 -6.17 15.93 -17.37
CA LEU C 27 -6.43 16.42 -18.71
C LEU C 27 -7.33 15.45 -19.50
N GLN C 28 -7.08 14.16 -19.38
CA GLN C 28 -7.90 13.14 -20.08
C GLN C 28 -9.35 13.23 -19.61
N LEU C 29 -9.52 13.38 -18.30
CA LEU C 29 -10.84 13.53 -17.69
C LEU C 29 -11.56 14.80 -18.15
N PHE C 30 -10.81 15.88 -18.33
CA PHE C 30 -11.39 17.10 -18.85
C PHE C 30 -11.94 16.86 -20.26
N ARG C 31 -11.09 16.27 -21.10
CA ARG C 31 -11.47 15.92 -22.49
C ARG C 31 -12.75 15.07 -22.58
N SER C 32 -12.85 14.05 -21.73
CA SER C 32 -13.98 13.11 -21.83
C SER C 32 -15.24 13.60 -21.10
N HIS C 33 -15.06 14.23 -19.94
CA HIS C 33 -16.19 14.48 -19.01
C HIS C 33 -16.63 15.94 -18.87
N VAL C 34 -15.75 16.89 -19.17
CA VAL C 34 -16.05 18.28 -18.98
C VAL C 34 -16.35 18.91 -20.31
N GLN C 35 -15.41 18.76 -21.23
CA GLN C 35 -15.41 19.47 -22.48
C GLN C 35 -16.72 19.33 -23.29
N PRO C 36 -17.21 18.08 -23.48
CA PRO C 36 -18.45 17.98 -24.29
C PRO C 36 -19.67 18.66 -23.66
N LEU C 37 -19.74 18.69 -22.33
CA LEU C 37 -20.76 19.49 -21.62
C LEU C 37 -20.62 21.01 -21.86
N LEU C 38 -19.38 21.52 -21.80
CA LEU C 38 -19.14 22.93 -21.98
C LEU C 38 -19.58 23.37 -23.36
N ALA C 39 -19.25 22.58 -24.38
CA ALA C 39 -19.67 22.90 -25.75
C ALA C 39 -21.20 22.94 -25.79
N GLU C 40 -21.80 21.96 -25.11
CA GLU C 40 -23.26 21.87 -24.97
C GLU C 40 -23.81 23.20 -24.42
N ALA C 41 -23.18 23.72 -23.37
CA ALA C 41 -23.64 24.92 -22.67
C ALA C 41 -23.18 26.25 -23.28
N GLU C 42 -22.46 26.20 -24.40
CA GLU C 42 -21.87 27.41 -24.99
C GLU C 42 -20.94 28.13 -24.01
N ILE C 43 -20.20 27.35 -23.22
CA ILE C 43 -19.09 27.87 -22.46
C ILE C 43 -17.78 27.64 -23.26
N SER C 44 -17.23 28.70 -23.84
CA SER C 44 -15.89 28.72 -24.43
C SER C 44 -14.84 28.61 -23.33
N PHE C 45 -13.70 27.97 -23.61
CA PHE C 45 -12.64 27.83 -22.58
C PHE C 45 -11.22 27.86 -23.15
N THR C 46 -10.26 28.30 -22.34
CA THR C 46 -8.86 28.00 -22.62
C THR C 46 -8.22 27.28 -21.45
N LEU C 47 -7.59 26.17 -21.74
CA LEU C 47 -6.81 25.42 -20.78
C LEU C 47 -5.41 25.99 -20.62
N MET C 48 -5.02 26.16 -19.37
CA MET C 48 -3.66 26.53 -19.00
C MET C 48 -3.25 25.49 -18.00
N LEU C 49 -2.06 24.90 -18.17
CA LEU C 49 -1.59 23.89 -17.24
C LEU C 49 -0.71 24.45 -16.12
N THR C 50 -0.87 23.88 -14.93
CA THR C 50 -0.15 24.26 -13.71
C THR C 50 0.93 23.23 -13.41
N GLU C 51 2.12 23.72 -13.04
CA GLU C 51 3.36 22.95 -13.13
C GLU C 51 4.06 22.71 -11.81
N ARG C 52 3.89 23.65 -10.88
CA ARG C 52 4.69 23.69 -9.67
C ARG C 52 3.89 24.45 -8.64
N ARG C 53 4.30 24.39 -7.38
CA ARG C 53 3.59 25.12 -6.35
C ARG C 53 3.70 26.63 -6.62
N ASN C 54 2.65 27.36 -6.29
CA ASN C 54 2.52 28.82 -6.52
C ASN C 54 2.42 29.30 -7.96
N HIS C 55 2.47 28.37 -8.91
CA HIS C 55 2.37 28.72 -10.31
C HIS C 55 1.00 29.34 -10.61
N ALA C 56 -0.09 28.72 -10.15
CA ALA C 56 -1.43 29.32 -10.38
C ALA C 56 -1.58 30.65 -9.67
N ARG C 57 -0.98 30.76 -8.48
CA ARG C 57 -1.01 32.00 -7.71
C ARG C 57 -0.41 33.16 -8.50
N GLU C 58 0.78 32.93 -9.07
CA GLU C 58 1.45 33.95 -9.89
C GLU C 58 0.67 34.29 -11.13
N LEU C 59 0.16 33.26 -11.82
CA LEU C 59 -0.65 33.46 -13.00
C LEU C 59 -1.85 34.34 -12.71
N VAL C 60 -2.59 34.00 -11.67
CA VAL C 60 -3.84 34.72 -11.39
C VAL C 60 -3.53 36.16 -10.95
N ARG C 61 -2.53 36.32 -10.12
CA ARG C 61 -2.05 37.65 -9.70
C ARG C 61 -1.71 38.58 -10.87
N SER C 62 -1.28 38.02 -12.00
CA SER C 62 -0.86 38.85 -13.15
C SER C 62 -1.87 38.81 -14.28
N GLU C 63 -2.95 38.06 -14.14
CA GLU C 63 -3.91 37.84 -15.24
C GLU C 63 -4.73 39.08 -15.64
N GLU C 64 -5.00 39.18 -16.94
CA GLU C 64 -5.98 40.14 -17.46
C GLU C 64 -7.37 39.55 -17.16
N LEU C 65 -7.89 39.81 -15.97
CA LEU C 65 -9.10 39.12 -15.51
C LEU C 65 -10.35 39.43 -16.31
N GLY C 66 -10.35 40.55 -17.03
CA GLY C 66 -11.50 41.00 -17.79
C GLY C 66 -11.82 40.22 -19.05
N ARG C 67 -10.93 39.31 -19.46
CA ARG C 67 -11.22 38.50 -20.63
C ARG C 67 -11.89 37.17 -20.26
N TRP C 68 -12.10 36.96 -18.95
CA TRP C 68 -12.75 35.76 -18.45
C TRP C 68 -14.05 36.10 -17.70
N ASP C 69 -15.10 35.33 -17.98
CA ASP C 69 -16.34 35.40 -17.19
C ASP C 69 -16.20 34.56 -15.89
N ALA C 70 -15.32 33.56 -15.87
CA ALA C 70 -15.03 32.85 -14.61
C ALA C 70 -13.67 32.13 -14.64
N LEU C 71 -13.12 31.79 -13.47
CA LEU C 71 -11.93 30.97 -13.39
C LEU C 71 -12.26 29.60 -12.85
N VAL C 72 -11.99 28.57 -13.65
CA VAL C 72 -12.26 27.22 -13.20
C VAL C 72 -10.97 26.48 -12.93
N VAL C 73 -10.97 25.83 -11.78
CA VAL C 73 -9.79 25.22 -11.23
C VAL C 73 -10.05 23.74 -11.21
N MET C 74 -9.23 22.98 -11.94
CA MET C 74 -9.40 21.53 -12.00
C MET C 74 -8.14 20.86 -11.51
N SER C 75 -8.17 20.43 -10.27
CA SER C 75 -7.01 19.81 -9.63
C SER C 75 -7.39 19.43 -8.22
N GLY C 76 -7.71 20.44 -7.43
CA GLY C 76 -8.01 20.22 -6.04
C GLY C 76 -8.11 21.53 -5.29
N ASP C 77 -8.43 21.41 -4.00
CA ASP C 77 -8.61 22.55 -3.13
C ASP C 77 -7.30 23.37 -3.04
N GLY C 78 -6.15 22.69 -3.19
CA GLY C 78 -4.83 23.35 -3.18
C GLY C 78 -4.74 24.41 -4.27
N LEU C 79 -5.17 24.06 -5.47
CA LEU C 79 -5.18 25.02 -6.58
C LEU C 79 -6.13 26.20 -6.37
N MET C 80 -7.33 25.95 -5.84
CA MET C 80 -8.24 27.04 -5.52
C MET C 80 -7.64 27.98 -4.45
N HIS C 81 -6.92 27.38 -3.50
CA HIS C 81 -6.24 28.14 -2.48
C HIS C 81 -5.25 29.14 -3.10
N GLU C 82 -4.51 28.68 -4.11
CA GLU C 82 -3.52 29.51 -4.76
CA GLU C 82 -3.53 29.52 -4.78
C GLU C 82 -4.22 30.61 -5.56
N VAL C 83 -5.33 30.26 -6.19
CA VAL C 83 -6.08 31.21 -6.95
C VAL C 83 -6.55 32.36 -6.05
N VAL C 84 -7.11 32.03 -4.89
CA VAL C 84 -7.76 33.03 -4.05
C VAL C 84 -6.71 33.95 -3.42
N ASN C 85 -5.61 33.38 -2.93
CA ASN C 85 -4.51 34.20 -2.41
C ASN C 85 -3.87 35.05 -3.50
N GLY C 86 -3.79 34.49 -4.71
CA GLY C 86 -3.33 35.22 -5.86
C GLY C 86 -4.17 36.43 -6.17
N LEU C 87 -5.49 36.27 -6.12
CA LEU C 87 -6.39 37.41 -6.30
C LEU C 87 -6.23 38.44 -5.18
N MET C 88 -6.02 37.96 -3.96
CA MET C 88 -5.95 38.82 -2.77
C MET C 88 -4.62 39.60 -2.66
N GLU C 89 -3.63 39.21 -3.45
CA GLU C 89 -2.31 39.85 -3.43
C GLU C 89 -2.20 40.93 -4.49
N ARG C 90 -3.20 41.01 -5.36
CA ARG C 90 -3.21 42.01 -6.40
C ARG C 90 -3.54 43.38 -5.81
N PRO C 91 -3.05 44.46 -6.46
CA PRO C 91 -3.42 45.80 -6.01
C PRO C 91 -4.92 46.03 -6.18
N ASP C 92 -5.55 45.35 -7.12
CA ASP C 92 -6.98 45.47 -7.35
C ASP C 92 -7.78 44.34 -6.69
N TRP C 93 -7.26 43.81 -5.59
CA TRP C 93 -7.86 42.66 -4.92
C TRP C 93 -9.36 42.80 -4.64
N GLU C 94 -9.82 44.00 -4.27
CA GLU C 94 -11.24 44.22 -3.93
C GLU C 94 -12.20 43.89 -5.07
N THR C 95 -11.82 44.23 -6.28
CA THR C 95 -12.62 43.82 -7.43
C THR C 95 -12.19 42.46 -7.95
N ALA C 96 -10.90 42.12 -7.84
CA ALA C 96 -10.38 40.83 -8.32
C ALA C 96 -11.04 39.65 -7.63
N ILE C 97 -11.16 39.72 -6.29
CA ILE C 97 -11.78 38.68 -5.49
C ILE C 97 -13.26 38.47 -5.87
N GLN C 98 -13.82 39.36 -6.68
CA GLN C 98 -15.20 39.23 -7.18
C GLN C 98 -15.36 38.29 -8.38
N LYS C 99 -14.25 37.82 -8.94
CA LYS C 99 -14.32 36.98 -10.12
C LYS C 99 -14.82 35.59 -9.74
N PRO C 100 -15.89 35.13 -10.38
CA PRO C 100 -16.43 33.84 -9.98
C PRO C 100 -15.46 32.70 -10.20
N LEU C 101 -15.33 31.87 -9.16
CA LEU C 101 -14.48 30.71 -9.16
C LEU C 101 -15.29 29.43 -9.31
N CYS C 102 -14.68 28.42 -9.93
CA CYS C 102 -15.33 27.11 -10.06
C CYS C 102 -14.33 26.03 -9.72
N SER C 103 -14.76 25.08 -8.88
CA SER C 103 -13.93 23.92 -8.58
C SER C 103 -14.40 22.61 -9.27
N LEU C 104 -13.60 22.10 -10.22
CA LEU C 104 -13.84 20.80 -10.83
C LEU C 104 -12.83 19.82 -10.26
N PRO C 105 -13.31 18.69 -9.72
CA PRO C 105 -12.42 17.77 -9.04
C PRO C 105 -11.62 16.89 -10.02
N ALA C 106 -10.47 16.44 -9.57
CA ALA C 106 -9.61 15.59 -10.37
C ALA C 106 -8.59 14.99 -9.40
N GLY C 107 -8.96 13.85 -8.83
CA GLY C 107 -8.12 13.15 -7.88
C GLY C 107 -8.32 13.66 -6.46
N SER C 108 -7.22 13.80 -5.74
CA SER C 108 -7.22 14.26 -4.35
C SER C 108 -7.64 15.73 -4.19
N GLY C 109 -7.97 16.11 -2.96
CA GLY C 109 -8.33 17.50 -2.64
C GLY C 109 -9.63 17.87 -3.32
N ASN C 110 -10.70 17.15 -2.96
CA ASN C 110 -11.98 17.29 -3.62
C ASN C 110 -13.09 17.73 -2.64
N ALA C 111 -12.67 18.31 -1.52
CA ALA C 111 -13.56 18.79 -0.46
C ALA C 111 -14.50 19.90 -0.91
N LEU C 112 -13.98 20.87 -1.64
CA LEU C 112 -14.82 21.95 -2.16
C LEU C 112 -15.83 21.41 -3.14
N ALA C 113 -15.35 20.62 -4.10
CA ALA C 113 -16.26 20.06 -5.09
C ALA C 113 -17.33 19.22 -4.38
N ALA C 114 -16.89 18.41 -3.40
CA ALA C 114 -17.76 17.52 -2.65
C ALA C 114 -18.88 18.32 -1.96
N SER C 115 -18.44 19.39 -1.29
CA SER C 115 -19.33 20.31 -0.58
C SER C 115 -20.36 20.96 -1.52
N LEU C 116 -19.90 21.54 -2.63
CA LEU C 116 -20.81 22.18 -3.58
C LEU C 116 -21.81 21.18 -4.16
N ASN C 117 -21.32 19.98 -4.48
CA ASN C 117 -22.16 18.89 -4.94
C ASN C 117 -23.27 18.57 -3.92
N HIS C 118 -22.88 18.43 -2.66
CA HIS C 118 -23.83 18.32 -1.55
C HIS C 118 -24.88 19.45 -1.52
N TYR C 119 -24.41 20.70 -1.54
CA TYR C 119 -25.29 21.87 -1.39
C TYR C 119 -26.29 21.94 -2.53
N ALA C 120 -25.84 21.52 -3.71
CA ALA C 120 -26.71 21.45 -4.89
C ALA C 120 -27.76 20.34 -4.73
N GLY C 121 -27.56 19.46 -3.75
CA GLY C 121 -28.55 18.44 -3.41
C GLY C 121 -28.30 17.12 -4.10
N TYR C 122 -27.11 16.92 -4.64
CA TYR C 122 -26.74 15.65 -5.25
C TYR C 122 -26.33 14.68 -4.15
N GLU C 123 -26.40 13.39 -4.47
CA GLU C 123 -25.86 12.31 -3.63
C GLU C 123 -24.35 12.43 -3.49
N GLN C 124 -23.81 11.78 -2.47
CA GLN C 124 -22.39 11.89 -2.15
C GLN C 124 -21.49 11.09 -3.11
N VAL C 125 -21.51 11.50 -4.38
CA VAL C 125 -20.82 10.79 -5.46
C VAL C 125 -19.32 11.09 -5.47
N THR C 126 -18.60 10.35 -6.30
CA THR C 126 -17.14 10.35 -6.30
C THR C 126 -16.57 10.24 -7.74
N ASN C 127 -15.33 10.67 -7.88
CA ASN C 127 -14.59 10.50 -9.13
C ASN C 127 -15.40 11.07 -10.30
N GLU C 128 -15.64 10.25 -11.33
CA GLU C 128 -16.24 10.78 -12.59
C GLU C 128 -17.68 11.32 -12.43
N ASP C 129 -18.40 10.74 -11.48
CA ASP C 129 -19.77 11.18 -11.21
C ASP C 129 -19.75 12.55 -10.54
N LEU C 130 -18.84 12.74 -9.58
CA LEU C 130 -18.63 14.06 -8.97
C LEU C 130 -18.21 15.11 -9.99
N LEU C 131 -17.28 14.74 -10.88
CA LEU C 131 -16.77 15.68 -11.86
C LEU C 131 -17.86 16.08 -12.86
N THR C 132 -18.67 15.10 -13.23
CA THR C 132 -19.81 15.34 -14.11
C THR C 132 -20.78 16.32 -13.43
N ASN C 133 -21.06 16.08 -12.15
CA ASN C 133 -22.02 16.92 -11.41
C ASN C 133 -21.50 18.35 -11.25
N CYS C 134 -20.24 18.47 -10.89
CA CYS C 134 -19.61 19.78 -10.78
C CYS C 134 -19.59 20.51 -12.11
N THR C 135 -19.51 19.77 -13.21
CA THR C 135 -19.51 20.36 -14.54
C THR C 135 -20.92 20.88 -14.85
N LEU C 136 -21.92 20.10 -14.46
CA LEU C 136 -23.32 20.50 -14.67
C LEU C 136 -23.60 21.80 -13.91
N LEU C 137 -23.11 21.88 -12.68
CA LEU C 137 -23.18 23.16 -11.94
C LEU C 137 -22.65 24.33 -12.75
N LEU C 138 -21.49 24.13 -13.36
CA LEU C 138 -20.89 25.17 -14.14
C LEU C 138 -21.80 25.45 -15.35
N CYS C 139 -22.30 24.39 -15.98
CA CYS C 139 -23.18 24.58 -17.15
C CYS C 139 -24.51 25.29 -16.83
N ARG C 140 -24.94 25.16 -15.59
CA ARG C 140 -26.12 25.86 -15.09
C ARG C 140 -25.87 27.34 -14.80
N ARG C 141 -24.58 27.71 -14.71
CA ARG C 141 -24.14 29.09 -14.57
C ARG C 141 -24.56 29.80 -13.25
N LEU C 142 -24.92 29.06 -12.20
CA LEU C 142 -25.39 29.71 -10.98
C LEU C 142 -24.31 29.70 -9.93
N LEU C 143 -24.23 30.81 -9.19
CA LEU C 143 -23.16 31.07 -8.24
C LEU C 143 -23.68 31.21 -6.82
N SER C 144 -22.79 30.98 -5.86
CA SER C 144 -23.09 31.26 -4.48
C SER C 144 -21.91 31.98 -3.82
N PRO C 145 -22.20 32.92 -2.89
CA PRO C 145 -21.10 33.54 -2.18
C PRO C 145 -20.56 32.63 -1.10
N MET C 146 -19.30 32.79 -0.74
CA MET C 146 -18.65 31.90 0.23
C MET C 146 -17.81 32.67 1.22
N ASN C 147 -17.63 32.06 2.39
CA ASN C 147 -16.77 32.63 3.42
C ASN C 147 -15.30 32.49 3.10
N LEU C 148 -14.51 33.44 3.59
CA LEU C 148 -13.07 33.41 3.41
C LEU C 148 -12.47 33.56 4.79
N LEU C 149 -11.57 32.66 5.13
CA LEU C 149 -10.83 32.76 6.36
C LEU C 149 -9.58 33.63 6.11
N SER C 150 -9.43 34.70 6.90
CA SER C 150 -8.21 35.50 6.91
C SER C 150 -7.31 35.02 8.03
N LEU C 151 -6.05 34.72 7.73
CA LEU C 151 -5.10 34.18 8.72
C LEU C 151 -3.87 35.08 8.91
N HIS C 152 -3.39 35.18 10.16
CA HIS C 152 -2.14 35.86 10.49
C HIS C 152 -1.18 34.90 11.18
N THR C 153 0.11 34.98 10.84
CA THR C 153 1.13 34.19 11.55
C THR C 153 2.04 35.08 12.37
N ALA C 154 2.72 34.47 13.33
CA ALA C 154 3.67 35.17 14.20
C ALA C 154 4.83 35.79 13.41
N SER C 155 5.14 35.25 12.24
CA SER C 155 6.12 35.85 11.36
C SER C 155 5.60 37.13 10.68
N GLY C 156 4.31 37.43 10.87
CA GLY C 156 3.69 38.60 10.27
C GLY C 156 3.06 38.32 8.91
N LEU C 157 3.06 37.05 8.49
CA LEU C 157 2.46 36.65 7.23
C LEU C 157 0.94 36.73 7.32
N ARG C 158 0.33 37.31 6.29
CA ARG C 158 -1.11 37.32 6.13
C ARG C 158 -1.42 36.42 4.94
N LEU C 159 -2.44 35.57 5.07
CA LEU C 159 -2.86 34.68 3.99
C LEU C 159 -4.31 34.26 4.18
N PHE C 160 -4.90 33.68 3.15
CA PHE C 160 -6.31 33.30 3.18
C PHE C 160 -6.58 31.83 2.91
N SER C 161 -7.66 31.33 3.52
CA SER C 161 -8.09 29.94 3.40
C SER C 161 -9.56 29.83 2.94
N VAL C 162 -9.84 28.95 1.98
CA VAL C 162 -11.19 28.82 1.43
C VAL C 162 -11.96 27.59 1.96
N LEU C 163 -11.27 26.76 2.72
CA LEU C 163 -11.80 25.47 3.10
C LEU C 163 -11.44 25.12 4.53
N SER C 164 -10.16 25.11 4.84
CA SER C 164 -9.76 24.61 6.16
C SER C 164 -8.39 25.05 6.61
N LEU C 165 -8.23 25.03 7.93
CA LEU C 165 -6.94 25.09 8.60
C LEU C 165 -6.92 23.92 9.54
N ALA C 166 -5.92 23.06 9.35
CA ALA C 166 -5.81 21.81 10.07
C ALA C 166 -4.49 21.82 10.82
N TRP C 167 -4.49 21.25 12.01
CA TRP C 167 -3.27 21.10 12.81
C TRP C 167 -3.29 19.75 13.54
N GLY C 168 -2.12 19.14 13.73
CA GLY C 168 -2.03 17.82 14.34
C GLY C 168 -2.38 16.72 13.34
N PHE C 169 -3.25 15.79 13.75
CA PHE C 169 -3.50 14.56 13.02
C PHE C 169 -3.60 14.77 11.50
N ILE C 170 -4.42 15.73 11.10
CA ILE C 170 -4.75 15.95 9.68
C ILE C 170 -3.54 16.51 8.92
N ALA C 171 -2.90 17.50 9.53
CA ALA C 171 -1.75 18.13 8.90
C ALA C 171 -0.61 17.11 8.79
N ASP C 172 -0.48 16.29 9.83
CA ASP C 172 0.49 15.19 9.85
C ASP C 172 0.29 14.20 8.70
N VAL C 173 -0.93 13.75 8.51
CA VAL C 173 -1.23 12.86 7.39
C VAL C 173 -0.92 13.55 6.04
N ASP C 174 -1.23 14.85 5.95
CA ASP C 174 -0.93 15.64 4.76
C ASP C 174 0.56 15.74 4.52
N LEU C 175 1.33 15.98 5.58
CA LEU C 175 2.78 16.08 5.48
C LEU C 175 3.36 14.78 4.95
N GLU C 176 3.01 13.67 5.61
CA GLU C 176 3.48 12.32 5.22
C GLU C 176 3.15 11.97 3.77
N SER C 177 1.94 12.33 3.35
CA SER C 177 1.45 12.00 2.02
C SER C 177 2.33 12.57 0.91
N GLU C 178 3.02 13.69 1.18
CA GLU C 178 3.91 14.32 0.19
C GLU C 178 5.10 13.44 -0.20
N LYS C 179 5.46 12.48 0.65
CA LYS C 179 6.48 11.51 0.28
C LYS C 179 5.97 10.47 -0.71
N TYR C 180 4.64 10.37 -0.87
CA TYR C 180 4.03 9.28 -1.65
C TYR C 180 3.01 9.75 -2.70
N ARG C 181 3.27 10.90 -3.32
CA ARG C 181 2.36 11.47 -4.33
C ARG C 181 1.95 10.48 -5.42
N ARG C 182 2.91 9.68 -5.88
CA ARG C 182 2.66 8.72 -6.97
C ARG C 182 1.57 7.68 -6.68
N LEU C 183 1.22 7.47 -5.40
CA LEU C 183 0.13 6.54 -5.04
C LEU C 183 -1.27 7.06 -5.39
N GLY C 184 -1.38 8.35 -5.67
CA GLY C 184 -2.66 8.97 -5.98
C GLY C 184 -3.44 9.19 -4.70
N GLU C 185 -4.76 9.24 -4.82
CA GLU C 185 -5.60 9.56 -3.67
C GLU C 185 -5.47 8.55 -2.53
N MET C 186 -5.13 7.29 -2.86
CA MET C 186 -4.97 6.25 -1.84
C MET C 186 -3.99 6.62 -0.73
N ARG C 187 -3.01 7.47 -1.03
CA ARG C 187 -2.03 7.88 -0.05
C ARG C 187 -2.65 8.52 1.22
N PHE C 188 -3.74 9.25 1.05
CA PHE C 188 -4.40 9.91 2.20
C PHE C 188 -5.19 8.94 3.07
N THR C 189 -5.85 7.99 2.40
CA THR C 189 -6.57 6.90 3.06
C THR C 189 -5.60 6.04 3.86
N LEU C 190 -4.54 5.57 3.21
CA LEU C 190 -3.54 4.74 3.90
C LEU C 190 -2.84 5.56 4.98
N GLY C 191 -2.49 6.80 4.64
CA GLY C 191 -1.82 7.70 5.57
C GLY C 191 -2.60 7.83 6.86
N THR C 192 -3.90 8.04 6.72
CA THR C 192 -4.81 8.23 7.84
C THR C 192 -4.84 7.02 8.77
N PHE C 193 -5.03 5.84 8.19
CA PHE C 193 -5.07 4.61 8.98
C PHE C 193 -3.73 4.36 9.68
N LEU C 194 -2.62 4.68 9.01
CA LEU C 194 -1.29 4.50 9.59
C LEU C 194 -1.08 5.44 10.78
N ARG C 195 -1.42 6.71 10.59
CA ARG C 195 -1.28 7.71 11.64
C ARG C 195 -2.14 7.30 12.83
N LEU C 196 -3.33 6.78 12.55
CA LEU C 196 -4.24 6.29 13.58
C LEU C 196 -3.68 5.05 14.31
N ALA C 197 -3.09 4.11 13.56
CA ALA C 197 -2.40 2.97 14.18
C ALA C 197 -1.34 3.47 15.14
N ALA C 198 -0.63 4.52 14.71
CA ALA C 198 0.41 5.17 15.51
C ALA C 198 -0.09 6.49 16.14
N LEU C 199 -1.33 6.48 16.63
CA LEU C 199 -1.98 7.69 17.15
C LEU C 199 -1.07 8.52 18.08
N ARG C 200 -1.07 9.82 17.88
CA ARG C 200 -0.21 10.77 18.57
C ARG C 200 -1.02 11.98 19.06
N THR C 201 -0.51 12.69 20.07
CA THR C 201 -1.04 14.02 20.42
C THR C 201 0.04 15.10 20.24
N TYR C 202 -0.36 16.38 20.30
CA TYR C 202 0.50 17.47 19.76
C TYR C 202 0.88 18.65 20.67
N ARG C 203 0.05 18.99 21.66
CA ARG C 203 0.39 20.07 22.61
C ARG C 203 0.34 21.49 22.00
N GLY C 204 -0.69 22.25 22.40
CA GLY C 204 -0.91 23.61 21.91
C GLY C 204 -2.01 24.29 22.73
N ARG C 205 -2.20 25.60 22.52
CA ARG C 205 -3.29 26.35 23.15
C ARG C 205 -4.29 26.78 22.08
N LEU C 206 -5.55 26.38 22.28
CA LEU C 206 -6.64 26.96 21.52
C LEU C 206 -7.18 28.12 22.30
N ALA C 207 -7.80 29.01 21.55
CA ALA C 207 -8.68 30.01 22.10
C ALA C 207 -9.52 30.39 20.92
N TYR C 208 -10.77 30.74 21.18
CA TYR C 208 -11.67 31.13 20.10
C TYR C 208 -12.74 32.09 20.57
N LEU C 209 -13.38 32.71 19.59
CA LEU C 209 -14.49 33.60 19.80
C LEU C 209 -15.71 32.86 19.29
N PRO C 210 -16.50 32.27 20.20
CA PRO C 210 -17.64 31.50 19.76
C PRO C 210 -18.66 32.41 19.14
N VAL C 211 -19.52 31.84 18.31
CA VAL C 211 -20.62 32.58 17.74
C VAL C 211 -21.54 33.06 18.86
N GLY C 212 -22.13 34.24 18.70
CA GLY C 212 -23.16 34.70 19.64
C GLY C 212 -22.69 35.50 20.83
N ARG C 213 -21.39 35.56 21.08
CA ARG C 213 -20.87 36.35 22.19
C ARG C 213 -20.21 37.62 21.68
N GLN C 226 -0.90 46.96 5.89
CA GLN C 226 -1.56 45.65 5.85
C GLN C 226 -2.38 45.45 4.57
N GLN C 227 -3.43 46.25 4.40
CA GLN C 227 -4.40 46.06 3.33
C GLN C 227 -5.19 44.75 3.46
N GLY C 228 -6.08 44.47 2.51
CA GLY C 228 -7.05 43.38 2.66
C GLY C 228 -8.15 43.81 3.62
N PRO C 229 -9.11 42.92 3.90
CA PRO C 229 -10.17 43.30 4.83
C PRO C 229 -9.63 43.40 6.26
N VAL C 230 -10.33 44.16 7.10
CA VAL C 230 -9.85 44.41 8.46
C VAL C 230 -10.30 43.22 9.31
N ASP C 231 -9.39 42.65 10.09
CA ASP C 231 -9.77 41.59 11.02
C ASP C 231 -10.11 42.21 12.37
N ALA C 232 -11.35 42.72 12.46
CA ALA C 232 -11.79 43.50 13.63
C ALA C 232 -11.78 42.70 14.92
N HIS C 233 -12.02 41.39 14.85
CA HIS C 233 -12.06 40.56 16.05
C HIS C 233 -10.69 40.23 16.65
N LEU C 234 -9.62 40.46 15.88
CA LEU C 234 -8.30 40.02 16.28
C LEU C 234 -7.50 41.16 16.92
N VAL C 235 -6.71 40.81 17.92
CA VAL C 235 -5.69 41.71 18.48
C VAL C 235 -4.32 41.09 18.22
N PRO C 236 -3.24 41.90 18.17
CA PRO C 236 -1.92 41.30 17.87
C PRO C 236 -1.57 40.06 18.74
N LEU C 237 -0.85 39.13 18.12
CA LEU C 237 -0.54 37.83 18.73
C LEU C 237 0.27 37.94 20.03
N GLU C 238 0.92 39.07 20.24
CA GLU C 238 1.64 39.34 21.49
C GLU C 238 0.65 39.51 22.64
N GLU C 239 -0.44 40.21 22.36
CA GLU C 239 -1.42 40.54 23.40
C GLU C 239 -2.35 39.38 23.68
N PRO C 240 -2.78 39.24 24.95
CA PRO C 240 -3.73 38.18 25.30
C PRO C 240 -5.02 38.33 24.52
N VAL C 241 -5.74 37.22 24.36
CA VAL C 241 -7.00 37.24 23.64
C VAL C 241 -8.02 38.08 24.39
N PRO C 242 -8.90 38.78 23.68
CA PRO C 242 -9.95 39.53 24.38
C PRO C 242 -10.76 38.67 25.37
N SER C 243 -11.19 39.28 26.46
CA SER C 243 -11.76 38.56 27.61
C SER C 243 -13.03 37.75 27.33
N HIS C 244 -13.80 38.15 26.32
CA HIS C 244 -15.02 37.41 25.94
C HIS C 244 -14.75 36.14 25.09
N TRP C 245 -13.48 35.88 24.77
CA TRP C 245 -13.10 34.66 24.03
C TRP C 245 -13.03 33.48 24.98
N THR C 246 -13.23 32.28 24.44
CA THR C 246 -13.01 31.04 25.20
C THR C 246 -11.54 30.63 25.10
N VAL C 247 -10.95 30.21 26.21
CA VAL C 247 -9.59 29.69 26.25
C VAL C 247 -9.63 28.20 26.62
N VAL C 248 -9.50 27.33 25.63
CA VAL C 248 -9.62 25.88 25.86
C VAL C 248 -8.60 25.46 26.94
N PRO C 249 -9.07 24.77 28.01
CA PRO C 249 -8.13 24.36 29.07
C PRO C 249 -7.13 23.29 28.61
N ASP C 250 -7.59 22.41 27.71
CA ASP C 250 -6.76 21.29 27.20
C ASP C 250 -5.45 21.76 26.58
N GLU C 251 -4.37 21.07 26.94
CA GLU C 251 -3.03 21.41 26.45
C GLU C 251 -2.52 20.45 25.36
N ASP C 252 -3.11 19.25 25.25
CA ASP C 252 -2.76 18.33 24.18
C ASP C 252 -3.97 18.00 23.31
N PHE C 253 -3.74 17.85 22.01
CA PHE C 253 -4.83 17.57 21.09
C PHE C 253 -4.37 16.55 20.07
N VAL C 254 -5.26 15.66 19.67
CA VAL C 254 -4.94 14.83 18.50
C VAL C 254 -5.09 15.67 17.23
N LEU C 255 -6.06 16.60 17.23
CA LEU C 255 -6.27 17.47 16.07
C LEU C 255 -7.12 18.70 16.37
N VAL C 256 -6.90 19.74 15.58
CA VAL C 256 -7.76 20.92 15.53
C VAL C 256 -8.07 21.19 14.07
N LEU C 257 -9.32 21.50 13.77
CA LEU C 257 -9.73 21.70 12.40
C LEU C 257 -10.75 22.82 12.35
N ALA C 258 -10.37 23.95 11.76
CA ALA C 258 -11.33 24.94 11.34
C ALA C 258 -11.72 24.59 9.93
N LEU C 259 -13.01 24.46 9.70
CA LEU C 259 -13.52 24.03 8.44
C LEU C 259 -14.62 24.99 8.05
N LEU C 260 -14.58 25.46 6.80
CA LEU C 260 -15.57 26.41 6.29
C LEU C 260 -16.74 25.74 5.59
N HIS C 261 -16.64 24.44 5.35
CA HIS C 261 -17.61 23.75 4.53
C HIS C 261 -18.04 22.40 5.07
N SER C 262 -18.95 21.75 4.37
CA SER C 262 -19.62 20.53 4.84
C SER C 262 -18.78 19.27 4.73
N HIS C 263 -17.89 19.24 3.74
CA HIS C 263 -17.10 18.05 3.44
C HIS C 263 -15.61 18.31 3.52
N LEU C 264 -14.90 17.37 4.13
CA LEU C 264 -13.45 17.40 4.19
C LEU C 264 -12.90 16.56 3.03
N GLY C 265 -13.78 15.98 2.23
CA GLY C 265 -13.39 15.17 1.09
C GLY C 265 -14.64 14.54 0.50
N SER C 266 -14.51 13.87 -0.63
CA SER C 266 -15.70 13.41 -1.35
C SER C 266 -16.44 12.31 -0.60
N GLU C 267 -15.73 11.56 0.25
CA GLU C 267 -16.34 10.53 1.09
C GLU C 267 -16.11 10.85 2.56
N MET C 268 -16.09 12.14 2.88
CA MET C 268 -15.95 12.60 4.26
C MET C 268 -16.92 13.74 4.54
N PHE C 269 -18.10 13.37 5.05
CA PHE C 269 -19.14 14.33 5.41
C PHE C 269 -18.87 14.82 6.83
N ALA C 270 -17.91 15.73 6.97
CA ALA C 270 -17.36 16.10 8.28
C ALA C 270 -18.21 17.07 9.12
N ALA C 271 -19.09 17.83 8.48
CA ALA C 271 -19.87 18.85 9.18
C ALA C 271 -21.33 18.73 8.74
N PRO C 272 -22.03 17.70 9.26
CA PRO C 272 -23.40 17.41 8.86
C PRO C 272 -24.46 18.29 9.54
N MET C 273 -24.03 19.23 10.38
CA MET C 273 -24.95 20.07 11.16
C MET C 273 -25.45 21.30 10.39
N GLY C 274 -25.49 21.22 9.06
CA GLY C 274 -26.03 22.29 8.21
C GLY C 274 -24.95 23.17 7.59
N ARG C 275 -25.23 23.68 6.39
CA ARG C 275 -24.29 24.55 5.71
C ARG C 275 -23.91 25.76 6.57
N CYS C 276 -22.61 26.07 6.61
CA CYS C 276 -22.12 27.22 7.38
C CYS C 276 -22.83 28.51 7.03
N ALA C 277 -23.14 29.31 8.05
CA ALA C 277 -23.78 30.59 7.86
C ALA C 277 -22.70 31.59 7.46
N ALA C 278 -23.10 32.69 6.84
CA ALA C 278 -22.13 33.73 6.51
C ALA C 278 -21.34 34.17 7.75
N GLY C 279 -20.01 34.16 7.65
CA GLY C 279 -19.13 34.65 8.72
C GLY C 279 -18.97 33.70 9.88
N VAL C 280 -19.38 32.45 9.68
CA VAL C 280 -19.20 31.41 10.69
C VAL C 280 -18.41 30.23 10.09
N MET C 281 -17.52 29.67 10.88
CA MET C 281 -16.86 28.42 10.50
C MET C 281 -16.95 27.38 11.60
N HIS C 282 -16.91 26.12 11.17
CA HIS C 282 -16.90 24.98 12.06
C HIS C 282 -15.57 24.94 12.74
N LEU C 283 -15.56 24.81 14.07
CA LEU C 283 -14.34 24.49 14.79
C LEU C 283 -14.49 23.10 15.43
N PHE C 284 -13.63 22.18 15.02
CA PHE C 284 -13.57 20.87 15.64
C PHE C 284 -12.24 20.75 16.34
N TYR C 285 -12.23 20.12 17.50
CA TYR C 285 -11.00 19.59 18.02
C TYR C 285 -11.21 18.29 18.75
N VAL C 286 -10.19 17.44 18.68
CA VAL C 286 -10.20 16.17 19.37
C VAL C 286 -9.07 16.23 20.39
N ARG C 287 -9.46 16.10 21.65
CA ARG C 287 -8.55 16.27 22.76
C ARG C 287 -7.85 14.96 23.08
N ALA C 288 -6.77 15.07 23.87
CA ALA C 288 -5.95 13.94 24.31
C ALA C 288 -6.78 12.94 25.10
N GLY C 289 -6.52 11.66 24.90
CA GLY C 289 -7.14 10.62 25.72
C GLY C 289 -7.92 9.63 24.89
N VAL C 290 -8.60 10.12 23.84
CA VAL C 290 -9.45 9.27 22.98
C VAL C 290 -8.72 8.00 22.54
N SER C 291 -9.45 6.89 22.43
CA SER C 291 -8.84 5.64 22.00
C SER C 291 -8.78 5.56 20.49
N ARG C 292 -7.84 4.77 19.99
CA ARG C 292 -7.74 4.47 18.56
C ARG C 292 -9.01 3.85 18.00
N ALA C 293 -9.65 3.00 18.80
CA ALA C 293 -10.87 2.31 18.36
C ALA C 293 -12.00 3.30 18.14
N MET C 294 -12.16 4.23 19.07
CA MET C 294 -13.23 5.24 18.97
C MET C 294 -12.91 6.21 17.85
N LEU C 295 -11.68 6.73 17.83
CA LEU C 295 -11.27 7.64 16.77
C LEU C 295 -11.52 7.00 15.40
N LEU C 296 -11.24 5.70 15.31
CA LEU C 296 -11.50 4.94 14.09
C LEU C 296 -12.99 4.88 13.76
N ARG C 297 -13.81 4.60 14.75
CA ARG C 297 -15.26 4.62 14.56
C ARG C 297 -15.70 6.02 14.13
N LEU C 298 -15.17 7.04 14.79
CA LEU C 298 -15.45 8.43 14.39
C LEU C 298 -15.12 8.62 12.91
N PHE C 299 -13.89 8.24 12.55
CA PHE C 299 -13.45 8.37 11.17
C PHE C 299 -14.35 7.60 10.21
N LEU C 300 -14.69 6.36 10.54
CA LEU C 300 -15.48 5.53 9.63
C LEU C 300 -16.91 6.03 9.55
N ALA C 301 -17.42 6.54 10.66
CA ALA C 301 -18.75 7.15 10.73
C ALA C 301 -18.84 8.39 9.85
N MET C 302 -17.74 9.15 9.78
CA MET C 302 -17.66 10.42 9.07
C MET C 302 -18.12 10.34 7.61
N GLU C 303 -18.00 9.16 6.99
CA GLU C 303 -18.41 8.95 5.61
C GLU C 303 -19.88 9.28 5.36
N LYS C 304 -20.74 8.78 6.24
CA LYS C 304 -22.17 9.07 6.15
C LYS C 304 -22.57 10.23 7.08
N GLY C 305 -21.59 10.86 7.69
CA GLY C 305 -21.82 12.02 8.55
C GLY C 305 -22.48 11.68 9.87
N ARG C 306 -22.17 10.50 10.42
CA ARG C 306 -22.81 10.05 11.67
C ARG C 306 -21.92 10.15 12.91
N HIS C 307 -20.68 10.58 12.71
CA HIS C 307 -19.70 10.64 13.80
C HIS C 307 -20.10 11.50 15.00
N MET C 308 -20.96 12.51 14.80
CA MET C 308 -21.41 13.37 15.90
C MET C 308 -22.42 12.66 16.80
N GLU C 309 -23.16 11.71 16.22
CA GLU C 309 -24.17 10.94 16.94
C GLU C 309 -23.59 10.21 18.14
N TYR C 310 -22.35 9.74 18.01
CA TYR C 310 -21.64 9.03 19.09
C TYR C 310 -21.48 9.89 20.34
N GLU C 311 -21.57 11.21 20.18
CA GLU C 311 -21.39 12.13 21.29
C GLU C 311 -20.22 11.68 22.17
N CYS C 312 -19.07 11.58 21.52
CA CYS C 312 -17.82 11.20 22.15
C CYS C 312 -17.30 12.41 22.93
N PRO C 313 -17.03 12.23 24.24
CA PRO C 313 -16.61 13.36 25.07
C PRO C 313 -15.37 14.08 24.57
N TYR C 314 -14.54 13.38 23.80
CA TYR C 314 -13.29 13.95 23.29
C TYR C 314 -13.47 14.85 22.06
N LEU C 315 -14.39 14.50 21.18
CA LEU C 315 -14.66 15.32 19.98
C LEU C 315 -15.56 16.50 20.32
N VAL C 316 -15.01 17.70 20.23
CA VAL C 316 -15.77 18.93 20.53
C VAL C 316 -15.98 19.75 19.25
N TYR C 317 -17.18 20.32 19.11
CA TYR C 317 -17.55 21.13 17.96
C TYR C 317 -18.15 22.45 18.40
N VAL C 318 -17.70 23.56 17.81
CA VAL C 318 -18.20 24.90 18.14
C VAL C 318 -18.17 25.81 16.91
N PRO C 319 -19.28 26.51 16.64
CA PRO C 319 -19.18 27.52 15.60
C PRO C 319 -18.47 28.76 16.14
N VAL C 320 -17.55 29.30 15.35
CA VAL C 320 -16.72 30.43 15.75
C VAL C 320 -16.59 31.42 14.61
N VAL C 321 -16.10 32.61 14.94
CA VAL C 321 -15.79 33.65 13.96
C VAL C 321 -14.29 33.92 13.91
N ALA C 322 -13.59 33.58 15.00
CA ALA C 322 -12.16 33.80 15.12
C ALA C 322 -11.53 32.73 16.02
N PHE C 323 -10.23 32.51 15.85
CA PHE C 323 -9.48 31.63 16.74
C PHE C 323 -8.01 31.98 16.76
N ARG C 324 -7.34 31.57 17.81
CA ARG C 324 -5.90 31.62 17.89
C ARG C 324 -5.45 30.20 18.26
N LEU C 325 -4.41 29.72 17.58
CA LEU C 325 -3.80 28.44 17.89
C LEU C 325 -2.30 28.66 18.02
N GLU C 326 -1.76 28.37 19.19
CA GLU C 326 -0.32 28.53 19.46
C GLU C 326 0.28 27.17 19.78
N PRO C 327 0.88 26.52 18.76
CA PRO C 327 1.58 25.28 19.07
C PRO C 327 2.73 25.50 20.05
N LYS C 328 3.33 24.40 20.51
CA LYS C 328 4.52 24.44 21.37
C LYS C 328 5.57 23.44 20.87
N ASP C 329 6.86 23.80 20.89
CA ASP C 329 7.34 25.14 21.24
C ASP C 329 8.66 25.42 20.53
N GLY C 332 4.77 25.12 14.63
CA GLY C 332 4.24 23.81 14.32
C GLY C 332 3.78 23.73 12.87
N VAL C 333 3.39 22.53 12.45
CA VAL C 333 3.00 22.27 11.07
C VAL C 333 1.47 22.35 10.85
N PHE C 334 1.05 23.13 9.87
CA PHE C 334 -0.36 23.30 9.55
C PHE C 334 -0.62 22.94 8.10
N ALA C 335 -1.85 22.54 7.83
CA ALA C 335 -2.33 22.40 6.46
C ALA C 335 -3.46 23.39 6.22
N VAL C 336 -3.25 24.30 5.27
CA VAL C 336 -4.24 25.29 4.88
C VAL C 336 -4.80 24.90 3.51
N ASP C 337 -6.06 24.49 3.50
CA ASP C 337 -6.69 23.97 2.29
C ASP C 337 -5.85 22.83 1.70
N GLY C 338 -5.19 22.08 2.57
CA GLY C 338 -4.40 20.92 2.13
C GLY C 338 -2.95 21.27 1.88
N GLU C 339 -2.64 22.58 1.76
CA GLU C 339 -1.26 23.04 1.52
C GLU C 339 -0.50 23.17 2.84
N LEU C 340 0.74 22.71 2.89
CA LEU C 340 1.53 22.74 4.12
C LEU C 340 2.26 24.05 4.31
N MET C 341 2.40 24.43 5.59
CA MET C 341 3.13 25.61 6.03
C MET C 341 3.51 25.36 7.48
N VAL C 342 4.37 26.19 8.04
CA VAL C 342 4.80 26.07 9.44
C VAL C 342 4.89 27.43 10.10
N SER C 343 4.42 27.53 11.34
CA SER C 343 4.61 28.74 12.15
C SER C 343 4.41 28.45 13.63
N GLU C 344 4.87 29.39 14.46
CA GLU C 344 4.89 29.24 15.92
C GLU C 344 3.58 29.72 16.55
N ALA C 345 2.76 30.42 15.78
CA ALA C 345 1.46 30.88 16.23
C ALA C 345 0.64 31.33 15.03
N VAL C 346 -0.67 31.12 15.10
CA VAL C 346 -1.58 31.50 14.04
C VAL C 346 -2.95 31.87 14.59
N GLN C 347 -3.56 32.90 14.02
CA GLN C 347 -4.93 33.20 14.35
C GLN C 347 -5.69 33.61 13.12
N GLY C 348 -7.01 33.47 13.19
CA GLY C 348 -7.83 33.71 12.03
C GLY C 348 -9.19 34.28 12.33
N GLN C 349 -9.79 34.88 11.32
CA GLN C 349 -11.11 35.42 11.41
C GLN C 349 -11.79 35.12 10.12
N VAL C 350 -12.98 34.54 10.18
CA VAL C 350 -13.73 34.28 8.97
C VAL C 350 -14.48 35.52 8.52
N HIS C 351 -14.40 35.82 7.23
CA HIS C 351 -15.15 36.92 6.64
C HIS C 351 -16.34 36.40 5.86
N PRO C 352 -17.50 37.06 6.03
CA PRO C 352 -18.74 36.59 5.44
C PRO C 352 -18.88 36.80 3.95
N ASN C 353 -19.42 35.79 3.27
CA ASN C 353 -19.81 35.86 1.88
C ASN C 353 -18.88 36.75 1.06
N TYR C 354 -17.62 36.36 1.02
CA TYR C 354 -16.54 37.21 0.54
C TYR C 354 -16.17 37.02 -0.94
N PHE C 355 -16.38 35.82 -1.48
CA PHE C 355 -16.16 35.57 -2.91
C PHE C 355 -17.24 34.64 -3.48
N TRP C 356 -17.33 34.61 -4.81
CA TRP C 356 -18.32 33.81 -5.52
C TRP C 356 -17.74 32.47 -5.99
N MET C 357 -18.53 31.42 -5.84
CA MET C 357 -18.21 30.09 -6.38
C MET C 357 -19.42 29.60 -7.19
N VAL C 358 -19.18 28.88 -8.29
CA VAL C 358 -20.32 28.20 -8.95
C VAL C 358 -20.85 27.17 -7.97
N SER C 359 -22.18 27.15 -7.93
CA SER C 359 -22.99 26.95 -6.70
C SER C 359 -22.41 26.06 -5.62
#